data_2J0K
#
_entry.id   2J0K
#
_cell.length_a   63.022
_cell.length_b   106.209
_cell.length_c   240.881
_cell.angle_alpha   90.00
_cell.angle_beta   90.00
_cell.angle_gamma   90.00
#
_symmetry.space_group_name_H-M   'P 21 21 21'
#
loop_
_entity.id
_entity.type
_entity.pdbx_description
1 polymer 'FOCAL ADHESION KINASE 1'
2 non-polymer 1,2,3,4-TETRAHYDROGEN-STAUROSPORINE
3 water water
#
_entity_poly.entity_id   1
_entity_poly.type   'polypeptide(L)'
_entity_poly.pdbx_seq_one_letter_code
;GAMERVLKVFHYFENSSEPTTWASIIRHGDATDVRGIIQKIVDCHKVKNVACYGLRLSHLQSEEVHWLHLDMGVSNVREK
FELAHPPEEWKYELRIRYLPKGFLNQFTEDKPTLNFFYQQVKNDYMLEIADQVDQEIALKLGCLEIRRSYGEMRGNALEK
KSNYEVLEKDVGLRRFFPKSLLDSVKAKTLRKLIQQTFRQFANLNREESILKFFEILSPVYRFDKECFKCALGSSWIISV
ELAIGPEEGISYLTDKGANPTHLADFNQVQTIQYSNSEDKDRKGMLQLKIAGAPEPLTVTAPSLTIAENMADLIDGYCRL
VNGATQSFIIRPQKEGERALPSIPKLANNEKQGVRSHTVSVSETDDYAEIIDEEDTYTMPSTRDYEIQRERIELGRCIGE
GQFGDVHQGIYMSPENPAMAVAIKTCKNCTSDSVREKFLQEALTMRQFDHPHIVKLIGVITENPVWIIMELCTLGELRSF
LQVRKFSLDLASLILYAYQLSTALAYLESKRFVHRDIAARNVLVSATDCVKLGDFGLSRYMEDSTYYKASKGKLPIKWMA
PESINFRRFTSASDVWMFGVCMWEILMHGVKPFQGVKNNDVIGRIENGERLPMPPNCPPTLYSLMTKCWAYDPSRRPRFT
ELKAQLSTILEEEKLQ
;
_entity_poly.pdbx_strand_id   A,B
#
# COMPACT_ATOMS: atom_id res chain seq x y z
N ARG A 5 9.99 -21.49 -26.11
CA ARG A 5 9.62 -20.17 -25.56
C ARG A 5 10.81 -19.52 -24.81
N VAL A 6 10.68 -18.22 -24.51
CA VAL A 6 11.77 -17.42 -23.95
C VAL A 6 11.57 -17.03 -22.49
N LEU A 7 12.55 -16.28 -21.97
CA LEU A 7 12.58 -15.84 -20.58
C LEU A 7 13.40 -14.56 -20.43
N LYS A 8 12.90 -13.64 -19.62
CA LYS A 8 13.66 -12.45 -19.26
C LYS A 8 14.14 -12.59 -17.81
N VAL A 9 15.45 -12.44 -17.63
CA VAL A 9 16.05 -12.44 -16.30
C VAL A 9 16.78 -11.12 -16.02
N PHE A 10 16.38 -10.42 -14.96
CA PHE A 10 17.02 -9.18 -14.55
C PHE A 10 18.23 -9.53 -13.71
N HIS A 11 19.32 -8.79 -13.91
CA HIS A 11 20.57 -9.08 -13.22
C HIS A 11 21.29 -7.80 -12.82
N TYR A 12 22.50 -7.94 -12.30
CA TYR A 12 23.23 -6.81 -11.76
C TYR A 12 24.59 -6.60 -12.42
N PHE A 13 24.70 -6.95 -13.71
CA PHE A 13 25.86 -6.60 -14.52
C PHE A 13 25.63 -5.25 -15.21
N GLU A 14 26.61 -4.35 -15.08
CA GLU A 14 26.46 -2.97 -15.57
C GLU A 14 26.23 -2.80 -17.08
N ASN A 15 25.67 -1.63 -17.40
CA ASN A 15 25.40 -1.20 -18.76
C ASN A 15 25.08 0.29 -18.69
N SER A 16 25.44 1.04 -19.72
CA SER A 16 25.13 2.47 -19.75
C SER A 16 23.62 2.74 -19.78
N SER A 17 22.82 1.67 -19.74
CA SER A 17 21.38 1.75 -19.60
C SER A 17 21.00 2.02 -18.15
N GLU A 18 19.70 2.24 -17.91
CA GLU A 18 19.18 2.45 -16.56
C GLU A 18 19.19 1.12 -15.79
N PRO A 19 19.67 1.13 -14.53
CA PRO A 19 19.83 -0.08 -13.71
C PRO A 19 18.61 -1.01 -13.63
N THR A 20 17.40 -0.46 -13.57
CA THR A 20 16.18 -1.28 -13.42
C THR A 20 15.87 -2.14 -14.66
N THR A 21 16.45 -1.77 -15.81
CA THR A 21 16.44 -2.64 -17.00
C THR A 21 17.84 -3.09 -17.41
N TRP A 22 18.51 -3.80 -16.52
CA TRP A 22 19.61 -4.67 -16.90
C TRP A 22 19.08 -6.09 -16.90
N ALA A 23 19.04 -6.72 -18.06
CA ALA A 23 18.52 -8.08 -18.19
C ALA A 23 19.15 -8.85 -19.35
N SER A 24 18.94 -10.16 -19.36
CA SER A 24 19.25 -11.00 -20.52
C SER A 24 18.01 -11.76 -20.97
N ILE A 25 17.91 -12.01 -22.28
CA ILE A 25 16.78 -12.72 -22.84
C ILE A 25 17.26 -14.06 -23.39
N ILE A 26 16.77 -15.14 -22.80
CA ILE A 26 17.23 -16.48 -23.16
C ILE A 26 16.17 -17.32 -23.86
N ARG A 27 16.51 -17.77 -25.07
CA ARG A 27 15.74 -18.79 -25.78
C ARG A 27 16.10 -20.16 -25.21
N HIS A 28 15.41 -20.56 -24.15
CA HIS A 28 15.67 -21.85 -23.50
C HIS A 28 14.97 -23.00 -24.22
N GLY A 29 15.27 -24.22 -23.78
CA GLY A 29 14.63 -25.43 -24.32
C GLY A 29 13.64 -26.02 -23.35
N ASP A 30 13.05 -27.16 -23.73
CA ASP A 30 11.92 -27.72 -23.00
C ASP A 30 12.31 -28.56 -21.77
N ALA A 31 13.52 -29.09 -21.76
CA ALA A 31 14.03 -29.85 -20.61
C ALA A 31 15.13 -29.09 -19.87
N THR A 32 15.29 -27.82 -20.22
CA THR A 32 16.31 -26.95 -19.65
C THR A 32 16.02 -26.66 -18.18
N ASP A 33 17.00 -26.96 -17.33
CA ASP A 33 16.89 -26.73 -15.89
C ASP A 33 17.59 -25.44 -15.48
N VAL A 34 17.18 -24.90 -14.33
CA VAL A 34 17.69 -23.61 -13.83
C VAL A 34 19.21 -23.49 -13.90
N ARG A 35 19.91 -24.62 -13.78
CA ARG A 35 21.36 -24.65 -13.96
C ARG A 35 21.72 -24.05 -15.32
N GLY A 36 21.20 -24.67 -16.38
CA GLY A 36 21.41 -24.17 -17.74
C GLY A 36 21.36 -22.66 -17.81
N ILE A 37 20.23 -22.10 -17.39
CA ILE A 37 19.98 -20.66 -17.45
C ILE A 37 21.10 -19.88 -16.75
N ILE A 38 21.35 -20.20 -15.48
CA ILE A 38 22.39 -19.51 -14.72
C ILE A 38 23.75 -19.65 -15.42
N GLN A 39 24.11 -20.89 -15.75
CA GLN A 39 25.36 -21.16 -16.44
C GLN A 39 25.56 -20.21 -17.61
N LYS A 40 24.60 -20.17 -18.53
CA LYS A 40 24.77 -19.43 -19.78
C LYS A 40 24.81 -17.91 -19.60
N ILE A 41 24.18 -17.38 -18.55
CA ILE A 41 24.22 -15.94 -18.31
C ILE A 41 25.55 -15.50 -17.70
N VAL A 42 26.07 -16.29 -16.78
CA VAL A 42 27.36 -15.96 -16.15
C VAL A 42 28.59 -16.28 -17.01
N ASP A 43 28.49 -17.30 -17.87
CA ASP A 43 29.53 -17.58 -18.86
C ASP A 43 29.59 -16.42 -19.82
N CYS A 44 28.44 -15.77 -19.97
CA CYS A 44 28.29 -14.68 -20.90
C CYS A 44 28.90 -13.39 -20.39
N HIS A 45 29.32 -13.42 -19.12
CA HIS A 45 29.95 -12.27 -18.52
C HIS A 45 31.32 -12.61 -17.93
N LYS A 46 31.85 -13.76 -18.29
CA LYS A 46 33.20 -14.18 -17.89
C LYS A 46 33.34 -14.29 -16.36
N VAL A 47 32.33 -14.89 -15.74
CA VAL A 47 32.28 -15.08 -14.29
C VAL A 47 33.07 -16.30 -13.90
N LYS A 48 33.92 -16.19 -12.87
CA LYS A 48 34.69 -17.33 -12.39
C LYS A 48 34.01 -18.06 -11.21
N ASN A 49 33.20 -17.33 -10.46
CA ASN A 49 32.49 -17.90 -9.32
C ASN A 49 31.05 -18.29 -9.61
N VAL A 50 30.90 -19.22 -10.54
CA VAL A 50 29.57 -19.67 -10.98
C VAL A 50 28.69 -20.18 -9.81
N ALA A 51 29.29 -20.96 -8.93
CA ALA A 51 28.58 -21.69 -7.87
C ALA A 51 27.87 -20.79 -6.82
N CYS A 52 27.95 -19.48 -7.00
CA CYS A 52 27.50 -18.52 -5.99
C CYS A 52 26.21 -17.85 -6.40
N TYR A 53 25.85 -18.00 -7.67
CA TYR A 53 24.66 -17.37 -8.23
C TYR A 53 23.43 -18.28 -8.18
N GLY A 54 22.30 -17.69 -7.78
CA GLY A 54 21.00 -18.37 -7.81
C GLY A 54 19.96 -17.62 -8.64
N LEU A 55 18.76 -18.18 -8.75
CA LEU A 55 17.66 -17.54 -9.46
C LEU A 55 16.46 -17.33 -8.55
N ARG A 56 16.02 -16.08 -8.43
CA ARG A 56 14.93 -15.72 -7.55
C ARG A 56 13.78 -15.10 -8.32
N LEU A 57 12.61 -15.70 -8.21
CA LEU A 57 11.42 -15.24 -8.89
C LEU A 57 10.50 -14.59 -7.88
N SER A 58 10.04 -13.38 -8.17
CA SER A 58 9.00 -12.75 -7.35
C SER A 58 7.98 -11.95 -8.14
N HIS A 59 6.70 -12.10 -7.74
CA HIS A 59 5.60 -11.30 -8.26
C HIS A 59 5.90 -9.83 -8.00
N LEU A 60 5.38 -8.97 -8.86
CA LEU A 60 5.60 -7.54 -8.72
C LEU A 60 4.93 -6.98 -7.46
N GLN A 61 3.59 -6.99 -7.45
CA GLN A 61 2.81 -6.44 -6.35
C GLN A 61 2.86 -7.25 -5.04
N SER A 62 3.71 -8.27 -5.00
CA SER A 62 3.93 -9.05 -3.77
C SER A 62 5.35 -8.87 -3.28
N GLU A 63 5.53 -8.91 -1.97
CA GLU A 63 6.86 -8.80 -1.38
C GLU A 63 7.53 -10.15 -1.10
N GLU A 64 6.80 -11.25 -1.27
CA GLU A 64 7.37 -12.58 -1.02
C GLU A 64 8.22 -13.01 -2.20
N VAL A 65 8.85 -14.17 -2.10
CA VAL A 65 9.97 -14.49 -2.97
C VAL A 65 10.12 -16.00 -3.18
N HIS A 66 10.50 -16.39 -4.39
CA HIS A 66 10.65 -17.82 -4.70
C HIS A 66 11.99 -18.22 -5.30
N TRP A 67 12.75 -19.01 -4.56
CA TRP A 67 14.05 -19.47 -5.04
C TRP A 67 13.89 -20.76 -5.86
N LEU A 68 14.32 -20.69 -7.12
CA LEU A 68 14.12 -21.78 -8.06
C LEU A 68 15.28 -22.78 -8.04
N HIS A 69 15.08 -23.88 -7.32
CA HIS A 69 16.12 -24.89 -7.15
C HIS A 69 16.77 -25.25 -8.51
N LEU A 70 18.10 -25.34 -8.51
CA LEU A 70 18.91 -25.57 -9.72
C LEU A 70 18.36 -26.61 -10.69
N ASP A 71 17.80 -27.67 -10.12
CA ASP A 71 17.42 -28.86 -10.86
C ASP A 71 16.04 -28.77 -11.51
N MET A 72 15.30 -27.69 -11.25
CA MET A 72 13.96 -27.49 -11.81
C MET A 72 14.01 -27.16 -13.30
N GLY A 73 13.03 -27.68 -14.05
CA GLY A 73 12.93 -27.42 -15.48
C GLY A 73 12.08 -26.19 -15.81
N VAL A 74 12.72 -25.17 -16.38
CA VAL A 74 12.12 -23.84 -16.66
C VAL A 74 10.67 -23.82 -17.17
N SER A 75 10.39 -24.64 -18.18
CA SER A 75 9.07 -24.66 -18.81
C SER A 75 8.01 -25.16 -17.85
N ASN A 76 8.34 -26.15 -17.02
CA ASN A 76 7.43 -26.54 -15.95
C ASN A 76 7.71 -25.85 -14.61
N VAL A 77 8.20 -24.61 -14.73
CA VAL A 77 8.30 -23.65 -13.63
C VAL A 77 7.48 -22.45 -14.07
N ARG A 78 7.61 -22.09 -15.35
CA ARG A 78 6.61 -21.32 -16.04
C ARG A 78 5.28 -22.00 -15.77
N GLU A 79 5.08 -23.18 -16.35
CA GLU A 79 3.88 -23.99 -16.13
C GLU A 79 3.24 -23.71 -14.76
N LYS A 80 4.00 -23.91 -13.70
CA LYS A 80 3.48 -23.82 -12.34
C LYS A 80 3.03 -22.42 -11.95
N PHE A 81 3.92 -21.45 -12.10
CA PHE A 81 3.66 -20.09 -11.62
C PHE A 81 2.78 -19.30 -12.57
N GLU A 82 2.89 -19.60 -13.86
CA GLU A 82 2.16 -18.90 -14.89
C GLU A 82 0.71 -19.39 -14.92
N LEU A 83 0.43 -20.40 -14.09
CA LEU A 83 -0.91 -20.88 -13.87
C LEU A 83 -1.56 -20.15 -12.67
N ALA A 84 -0.75 -19.37 -11.95
CA ALA A 84 -1.23 -18.51 -10.87
C ALA A 84 -1.48 -17.08 -11.36
N HIS A 85 -0.46 -16.47 -11.97
CA HIS A 85 -0.57 -15.13 -12.53
C HIS A 85 0.18 -15.04 -13.86
N PRO A 86 -0.21 -14.08 -14.71
CA PRO A 86 0.44 -13.89 -16.02
C PRO A 86 1.96 -13.64 -15.97
N PRO A 87 2.69 -13.97 -17.06
CA PRO A 87 4.13 -13.75 -17.16
C PRO A 87 4.54 -12.28 -17.07
N GLU A 88 3.63 -11.37 -17.47
CA GLU A 88 3.78 -9.92 -17.35
C GLU A 88 4.12 -9.39 -15.94
N GLU A 89 3.61 -10.05 -14.89
CA GLU A 89 3.80 -9.59 -13.49
C GLU A 89 4.82 -10.37 -12.63
N TRP A 90 5.51 -11.32 -13.26
CA TRP A 90 6.58 -12.09 -12.60
C TRP A 90 7.98 -11.54 -12.92
N LYS A 91 8.85 -11.55 -11.92
CA LYS A 91 10.20 -11.01 -12.09
C LYS A 91 11.25 -12.05 -11.80
N TYR A 92 11.93 -12.51 -12.83
CA TYR A 92 13.03 -13.45 -12.66
C TYR A 92 14.28 -12.63 -12.53
N GLU A 93 14.92 -12.69 -11.37
CA GLU A 93 16.19 -11.99 -11.19
C GLU A 93 17.33 -12.86 -10.66
N LEU A 94 18.44 -12.83 -11.39
CA LEU A 94 19.67 -13.53 -11.00
C LEU A 94 20.30 -12.84 -9.80
N ARG A 95 20.68 -13.63 -8.79
CA ARG A 95 21.29 -13.09 -7.56
C ARG A 95 22.46 -13.95 -7.07
N ILE A 96 23.31 -13.35 -6.25
CA ILE A 96 24.30 -14.10 -5.53
C ILE A 96 23.66 -14.48 -4.21
N ARG A 97 23.63 -15.78 -3.90
CA ARG A 97 23.06 -16.25 -2.63
C ARG A 97 24.06 -17.04 -1.78
N TYR A 98 25.13 -17.51 -2.39
CA TYR A 98 25.97 -18.53 -1.77
C TYR A 98 27.38 -18.02 -1.66
N LEU A 99 27.66 -17.38 -0.53
CA LEU A 99 28.95 -16.77 -0.32
C LEU A 99 30.00 -17.80 0.09
N PRO A 100 31.14 -17.84 -0.63
CA PRO A 100 32.30 -18.56 -0.11
C PRO A 100 32.80 -17.90 1.18
N LYS A 101 33.70 -18.59 1.87
CA LYS A 101 34.20 -18.12 3.17
C LYS A 101 34.96 -16.78 3.07
N GLY A 102 35.91 -16.65 2.16
CA GLY A 102 36.59 -15.37 2.02
C GLY A 102 35.86 -14.40 1.10
N PHE A 103 34.56 -14.56 0.95
CA PHE A 103 33.86 -14.03 -0.25
C PHE A 103 34.40 -12.71 -0.85
N LEU A 104 34.36 -11.60 -0.10
CA LEU A 104 34.80 -10.29 -0.62
C LEU A 104 36.18 -10.41 -1.22
N ASN A 105 37.13 -10.82 -0.38
CA ASN A 105 38.49 -11.11 -0.80
C ASN A 105 38.50 -11.90 -2.11
N GLN A 106 37.77 -13.01 -2.15
CA GLN A 106 37.78 -13.87 -3.33
C GLN A 106 37.23 -13.19 -4.60
N PHE A 107 36.20 -12.36 -4.44
CA PHE A 107 35.57 -11.71 -5.57
C PHE A 107 36.46 -10.64 -6.21
N THR A 108 37.51 -10.26 -5.49
CA THR A 108 38.50 -9.29 -5.99
C THR A 108 39.20 -9.85 -7.21
N GLU A 109 39.42 -11.16 -7.19
CA GLU A 109 40.06 -11.88 -8.27
C GLU A 109 39.00 -12.49 -9.17
N ASP A 110 37.86 -11.80 -9.27
CA ASP A 110 36.78 -12.17 -10.17
C ASP A 110 35.93 -10.92 -10.43
N LYS A 111 36.49 -10.01 -11.22
CA LYS A 111 35.96 -8.66 -11.41
C LYS A 111 34.44 -8.56 -11.69
N PRO A 112 33.88 -9.42 -12.57
CA PRO A 112 32.44 -9.29 -12.78
C PRO A 112 31.64 -9.56 -11.51
N THR A 113 32.10 -10.55 -10.73
CA THR A 113 31.34 -11.03 -9.57
C THR A 113 31.29 -9.98 -8.48
N LEU A 114 32.45 -9.38 -8.19
CA LEU A 114 32.53 -8.27 -7.24
C LEU A 114 31.57 -7.20 -7.69
N ASN A 115 31.63 -6.84 -8.97
CA ASN A 115 30.72 -5.83 -9.48
C ASN A 115 29.26 -6.22 -9.38
N PHE A 116 28.93 -7.43 -9.82
CA PHE A 116 27.58 -7.95 -9.66
C PHE A 116 27.17 -7.82 -8.21
N PHE A 117 28.03 -8.32 -7.31
CA PHE A 117 27.71 -8.39 -5.91
C PHE A 117 27.49 -7.01 -5.35
N TYR A 118 28.45 -6.12 -5.59
CA TYR A 118 28.34 -4.74 -5.15
C TYR A 118 26.99 -4.10 -5.53
N GLN A 119 26.60 -4.25 -6.81
CA GLN A 119 25.35 -3.70 -7.30
C GLN A 119 24.17 -4.28 -6.54
N GLN A 120 24.16 -5.62 -6.46
CA GLN A 120 23.07 -6.32 -5.81
C GLN A 120 22.87 -5.87 -4.37
N VAL A 121 23.98 -5.74 -3.64
CA VAL A 121 23.99 -5.21 -2.27
C VAL A 121 23.62 -3.73 -2.20
N LYS A 122 24.21 -2.91 -3.09
CA LYS A 122 23.88 -1.47 -3.18
C LYS A 122 22.40 -1.24 -3.48
N ASN A 123 21.86 -2.01 -4.41
CA ASN A 123 20.44 -1.95 -4.68
C ASN A 123 19.61 -2.17 -3.41
N ASP A 124 19.93 -3.21 -2.65
CA ASP A 124 19.16 -3.54 -1.45
C ASP A 124 19.26 -2.43 -0.44
N TYR A 125 20.48 -1.90 -0.28
CA TYR A 125 20.72 -0.85 0.70
C TYR A 125 19.78 0.33 0.48
N MET A 126 19.71 0.78 -0.78
CA MET A 126 18.82 1.87 -1.19
C MET A 126 17.36 1.52 -0.93
N LEU A 127 17.00 0.30 -1.32
CA LEU A 127 15.62 -0.14 -1.25
C LEU A 127 15.14 -0.47 0.17
N GLU A 128 16.05 -0.95 1.01
CA GLU A 128 15.63 -1.46 2.31
C GLU A 128 15.86 -0.55 3.51
N ILE A 129 17.07 -0.01 3.65
CA ILE A 129 17.40 0.72 4.88
C ILE A 129 18.01 2.11 4.68
N ALA A 130 18.40 2.46 3.46
CA ALA A 130 19.05 3.75 3.17
C ALA A 130 18.33 4.93 3.80
N ASP A 131 17.00 4.97 3.62
CA ASP A 131 16.20 6.03 4.20
C ASP A 131 16.50 6.22 5.69
N GLN A 132 16.46 5.14 6.46
CA GLN A 132 16.75 5.24 7.90
C GLN A 132 18.17 4.75 8.28
N VAL A 133 19.19 5.32 7.64
CA VAL A 133 20.58 5.10 8.02
C VAL A 133 21.15 6.43 8.53
N ASP A 134 22.28 6.39 9.22
CA ASP A 134 22.91 7.61 9.74
C ASP A 134 23.30 8.59 8.63
N GLN A 135 23.30 9.88 8.99
CA GLN A 135 23.53 10.93 8.01
C GLN A 135 24.95 10.86 7.45
N GLU A 136 25.91 10.69 8.35
CA GLU A 136 27.32 10.54 7.98
C GLU A 136 27.50 9.30 7.09
N ILE A 137 26.77 8.24 7.44
CA ILE A 137 26.84 6.95 6.73
C ILE A 137 26.35 7.05 5.29
N ALA A 138 25.13 7.57 5.12
CA ALA A 138 24.57 7.79 3.80
C ALA A 138 25.56 8.57 2.95
N LEU A 139 25.92 9.76 3.43
CA LEU A 139 26.91 10.61 2.78
C LEU A 139 28.13 9.82 2.32
N LYS A 140 28.79 9.16 3.27
CA LYS A 140 30.00 8.40 2.96
C LYS A 140 29.72 7.42 1.85
N LEU A 141 28.59 6.74 1.93
CA LEU A 141 28.28 5.72 0.94
C LEU A 141 28.09 6.35 -0.42
N GLY A 142 27.08 7.21 -0.56
CA GLY A 142 26.80 7.91 -1.83
C GLY A 142 28.02 8.36 -2.62
N CYS A 143 28.97 9.00 -1.92
CA CYS A 143 30.21 9.52 -2.54
C CYS A 143 31.06 8.47 -3.24
N LEU A 144 31.16 7.29 -2.63
CA LEU A 144 31.96 6.20 -3.19
C LEU A 144 31.36 5.71 -4.51
N GLU A 145 30.04 5.74 -4.60
CA GLU A 145 29.31 5.40 -5.82
C GLU A 145 29.54 6.45 -6.93
N ILE A 146 29.62 7.73 -6.54
CA ILE A 146 30.12 8.76 -7.45
C ILE A 146 31.57 8.42 -7.84
N ARG A 147 32.41 8.19 -6.84
CA ARG A 147 33.81 7.96 -7.07
C ARG A 147 34.02 6.79 -8.00
N ARG A 148 33.30 5.69 -7.76
CA ARG A 148 33.46 4.48 -8.55
C ARG A 148 32.85 4.61 -9.94
N SER A 149 31.66 5.21 -10.01
CA SER A 149 30.89 5.31 -11.25
C SER A 149 31.60 6.17 -12.26
N TYR A 150 32.10 7.32 -11.82
CA TYR A 150 32.70 8.29 -12.71
C TYR A 150 34.21 8.23 -12.59
N GLY A 151 34.76 7.13 -13.10
CA GLY A 151 36.17 6.79 -12.95
C GLY A 151 37.14 7.82 -13.47
N GLU A 152 36.86 8.38 -14.64
CA GLU A 152 37.83 9.19 -15.36
C GLU A 152 37.91 10.66 -14.92
N MET A 153 37.08 11.06 -13.97
CA MET A 153 37.09 12.45 -13.47
C MET A 153 38.10 12.60 -12.35
N ARG A 154 38.81 13.74 -12.33
CA ARG A 154 39.77 14.02 -11.28
C ARG A 154 39.08 14.46 -10.00
N GLY A 155 39.75 14.26 -8.87
CA GLY A 155 39.14 14.43 -7.55
C GLY A 155 38.48 15.76 -7.24
N ASN A 156 39.14 16.85 -7.60
CA ASN A 156 38.66 18.18 -7.24
C ASN A 156 37.44 18.66 -8.03
N ALA A 157 36.85 17.76 -8.82
CA ALA A 157 35.74 18.13 -9.70
C ALA A 157 34.49 18.60 -8.98
N LEU A 158 34.14 17.94 -7.88
CA LEU A 158 32.91 18.27 -7.17
C LEU A 158 32.95 19.58 -6.41
N GLU A 159 34.12 20.21 -6.37
CA GLU A 159 34.27 21.55 -5.81
C GLU A 159 34.14 22.58 -6.94
N LYS A 160 33.31 22.25 -7.94
CA LYS A 160 32.99 23.16 -9.04
C LYS A 160 31.48 23.24 -9.26
N LYS A 161 30.91 24.42 -8.98
CA LYS A 161 29.45 24.65 -9.05
C LYS A 161 28.72 23.99 -10.22
N SER A 162 29.34 24.05 -11.41
CA SER A 162 28.76 23.48 -12.62
C SER A 162 28.71 21.97 -12.54
N ASN A 163 29.83 21.36 -12.16
CA ASN A 163 29.93 19.90 -12.01
C ASN A 163 28.88 19.35 -11.07
N TYR A 164 28.90 19.83 -9.83
CA TYR A 164 27.90 19.46 -8.87
C TYR A 164 26.50 19.64 -9.46
N GLU A 165 26.23 20.79 -10.07
CA GLU A 165 24.93 21.03 -10.69
C GLU A 165 24.55 19.89 -11.63
N VAL A 166 25.47 19.50 -12.51
CA VAL A 166 25.19 18.43 -13.48
C VAL A 166 24.70 17.19 -12.75
N LEU A 167 25.24 16.95 -11.56
CA LEU A 167 24.79 15.84 -10.73
C LEU A 167 23.42 16.10 -10.10
N GLU A 168 23.23 17.31 -9.58
CA GLU A 168 21.99 17.71 -8.93
C GLU A 168 20.81 17.61 -9.88
N LYS A 169 21.00 18.13 -11.08
CA LYS A 169 19.90 18.59 -11.92
C LYS A 169 19.78 17.90 -13.28
N ASP A 170 20.78 17.08 -13.63
CA ASP A 170 20.76 16.34 -14.89
C ASP A 170 20.81 14.83 -14.64
N VAL A 171 21.67 14.45 -13.68
CA VAL A 171 21.86 13.05 -13.29
C VAL A 171 20.86 12.63 -12.22
N GLY A 172 20.66 13.51 -11.24
CA GLY A 172 19.77 13.23 -10.12
C GLY A 172 20.57 12.57 -9.02
N LEU A 173 20.71 13.29 -7.92
CA LEU A 173 21.39 12.77 -6.74
C LEU A 173 20.66 11.55 -6.14
N ARG A 174 19.39 11.41 -6.51
CA ARG A 174 18.60 10.23 -6.15
C ARG A 174 19.32 8.93 -6.59
N ARG A 175 20.10 9.01 -7.67
CA ARG A 175 20.96 7.90 -8.11
C ARG A 175 22.07 7.54 -7.12
N PHE A 176 22.23 8.32 -6.05
CA PHE A 176 23.30 8.09 -5.07
C PHE A 176 22.81 8.20 -3.64
N PHE A 177 21.65 8.81 -3.45
CA PHE A 177 21.18 9.17 -2.11
C PHE A 177 19.68 8.95 -1.93
N PRO A 178 19.25 8.67 -0.68
CA PRO A 178 17.84 8.46 -0.40
C PRO A 178 17.04 9.76 -0.43
N LYS A 179 15.74 9.66 -0.72
CA LYS A 179 14.86 10.83 -0.71
C LYS A 179 14.81 11.45 0.69
N SER A 180 15.09 10.64 1.71
CA SER A 180 15.09 11.11 3.11
C SER A 180 16.14 12.19 3.37
N LEU A 181 17.36 11.96 2.89
CA LEU A 181 18.47 12.90 3.05
C LEU A 181 18.20 14.17 2.26
N LEU A 182 18.01 14.00 0.95
CA LEU A 182 17.84 15.12 0.03
C LEU A 182 16.76 16.09 0.49
N ASP A 183 15.69 15.55 1.08
CA ASP A 183 14.57 16.36 1.54
C ASP A 183 14.91 17.17 2.80
N SER A 184 15.59 16.52 3.74
CA SER A 184 15.71 17.05 5.11
C SER A 184 16.87 18.02 5.35
N VAL A 185 17.57 18.41 4.29
CA VAL A 185 18.64 19.39 4.38
C VAL A 185 18.58 20.39 3.22
N LYS A 186 18.85 21.67 3.50
CA LYS A 186 18.87 22.70 2.46
C LYS A 186 19.94 22.41 1.42
N ALA A 187 19.56 22.50 0.15
CA ALA A 187 20.38 22.01 -0.96
C ALA A 187 21.75 22.65 -1.14
N LYS A 188 21.84 23.96 -0.86
CA LYS A 188 23.12 24.68 -0.97
C LYS A 188 24.14 24.17 0.04
N THR A 189 23.65 23.81 1.24
CA THR A 189 24.45 23.18 2.29
C THR A 189 24.79 21.73 1.95
N LEU A 190 23.82 21.02 1.37
CA LEU A 190 24.05 19.67 0.90
C LEU A 190 25.26 19.62 -0.04
N ARG A 191 25.38 20.63 -0.90
CA ARG A 191 26.53 20.76 -1.79
C ARG A 191 27.85 20.72 -1.03
N LYS A 192 27.92 21.46 0.08
CA LYS A 192 29.09 21.40 0.95
C LYS A 192 29.29 19.95 1.41
N LEU A 193 28.35 19.47 2.22
CA LEU A 193 28.44 18.14 2.82
C LEU A 193 29.05 17.10 1.89
N ILE A 194 28.64 17.11 0.62
CA ILE A 194 29.19 16.17 -0.35
C ILE A 194 30.65 16.50 -0.66
N GLN A 195 30.93 17.70 -1.16
CA GLN A 195 32.29 18.11 -1.49
C GLN A 195 33.25 17.69 -0.39
N GLN A 196 32.79 17.87 0.85
CA GLN A 196 33.56 17.54 2.05
C GLN A 196 33.80 16.04 2.18
N THR A 197 32.73 15.25 2.34
CA THR A 197 32.90 13.81 2.54
C THR A 197 33.49 13.15 1.31
N PHE A 198 33.54 13.87 0.20
CA PHE A 198 34.16 13.33 -0.99
C PHE A 198 35.68 13.43 -0.93
N ARG A 199 36.19 14.40 -0.18
CA ARG A 199 37.63 14.55 -0.05
C ARG A 199 38.26 13.21 0.37
N GLN A 200 37.70 12.58 1.40
CA GLN A 200 38.32 11.38 1.96
C GLN A 200 38.47 10.24 0.95
N PHE A 201 37.64 10.24 -0.09
CA PHE A 201 37.72 9.21 -1.13
C PHE A 201 38.19 9.76 -2.47
N ALA A 202 39.00 10.82 -2.44
CA ALA A 202 39.47 11.51 -3.65
C ALA A 202 40.23 10.60 -4.63
N ASN A 203 41.33 9.99 -4.17
CA ASN A 203 42.14 9.12 -5.02
C ASN A 203 41.94 7.64 -4.70
N LEU A 204 40.75 7.14 -5.05
CA LEU A 204 40.43 5.72 -4.94
C LEU A 204 39.86 5.19 -6.26
N ASN A 205 40.54 4.22 -6.86
CA ASN A 205 40.05 3.61 -8.09
C ASN A 205 38.79 2.79 -7.82
N ARG A 206 38.19 2.26 -8.89
CA ARG A 206 36.93 1.52 -8.82
C ARG A 206 36.95 0.39 -7.79
N GLU A 207 38.05 -0.39 -7.77
CA GLU A 207 38.15 -1.55 -6.88
C GLU A 207 38.09 -1.15 -5.40
N GLU A 208 38.88 -0.16 -5.00
CA GLU A 208 38.96 0.24 -3.60
C GLU A 208 37.68 0.90 -3.12
N SER A 209 37.02 1.61 -4.04
CA SER A 209 35.74 2.25 -3.76
C SER A 209 34.72 1.21 -3.28
N ILE A 210 34.62 0.13 -4.04
CA ILE A 210 33.70 -0.96 -3.78
C ILE A 210 33.96 -1.58 -2.41
N LEU A 211 35.22 -1.79 -2.08
CA LEU A 211 35.54 -2.38 -0.80
C LEU A 211 35.31 -1.39 0.34
N LYS A 212 35.72 -0.15 0.14
CA LYS A 212 35.44 0.87 1.14
C LYS A 212 33.93 1.04 1.30
N PHE A 213 33.20 0.91 0.20
CA PHE A 213 31.75 0.86 0.25
C PHE A 213 31.32 -0.21 1.24
N PHE A 214 31.61 -1.47 0.91
CA PHE A 214 31.22 -2.59 1.76
C PHE A 214 31.64 -2.38 3.21
N GLU A 215 32.91 -2.06 3.40
CA GLU A 215 33.47 -1.82 4.72
C GLU A 215 32.60 -0.89 5.57
N ILE A 216 32.06 0.16 4.95
CA ILE A 216 31.27 1.15 5.69
C ILE A 216 29.82 0.68 5.91
N LEU A 217 29.32 -0.19 5.04
CA LEU A 217 27.98 -0.75 5.20
C LEU A 217 27.95 -1.83 6.28
N SER A 218 28.76 -2.88 6.11
CA SER A 218 28.74 -4.09 6.96
C SER A 218 28.37 -3.92 8.44
N PRO A 219 29.00 -2.97 9.14
CA PRO A 219 28.66 -2.69 10.55
C PRO A 219 27.20 -2.29 10.83
N VAL A 220 26.50 -1.83 9.79
CA VAL A 220 25.13 -1.32 9.94
C VAL A 220 24.12 -2.00 8.97
N TYR A 221 24.53 -3.09 8.35
CA TYR A 221 23.67 -3.84 7.45
C TYR A 221 24.32 -5.16 7.14
N ARG A 222 23.77 -6.22 7.72
CA ARG A 222 24.28 -7.55 7.45
C ARG A 222 23.85 -7.97 6.05
N PHE A 223 24.84 -8.22 5.19
CA PHE A 223 24.63 -8.76 3.85
C PHE A 223 25.44 -10.04 3.72
N ASP A 224 26.07 -10.42 4.82
CA ASP A 224 26.93 -11.59 4.91
C ASP A 224 26.18 -12.85 5.36
N LYS A 225 24.86 -12.79 5.37
CA LYS A 225 24.03 -13.93 5.78
C LYS A 225 22.54 -13.66 5.55
N GLU A 226 21.75 -14.70 5.75
CA GLU A 226 20.31 -14.58 5.79
C GLU A 226 19.79 -15.14 7.11
N CYS A 227 18.71 -14.53 7.63
CA CYS A 227 18.09 -15.00 8.86
C CYS A 227 16.61 -15.38 8.69
N PHE A 228 16.16 -16.33 9.50
CA PHE A 228 14.76 -16.77 9.51
C PHE A 228 14.30 -17.04 10.93
N LYS A 229 13.23 -16.37 11.34
CA LYS A 229 12.57 -16.77 12.58
C LYS A 229 11.87 -18.07 12.22
N CYS A 230 11.99 -19.06 13.09
CA CYS A 230 11.43 -20.39 12.86
C CYS A 230 11.62 -21.23 14.12
N ALA A 231 11.14 -22.47 14.11
CA ALA A 231 11.20 -23.31 15.31
C ALA A 231 12.06 -24.55 15.09
N LEU A 232 12.89 -24.88 16.07
CA LEU A 232 13.71 -26.09 16.02
C LEU A 232 13.14 -27.24 16.83
N GLY A 233 13.52 -28.45 16.43
CA GLY A 233 13.12 -29.66 17.12
C GLY A 233 12.08 -30.49 16.40
N SER A 234 11.92 -31.73 16.86
CA SER A 234 11.00 -32.68 16.25
C SER A 234 9.72 -32.84 17.07
N SER A 235 9.79 -32.58 18.36
CA SER A 235 8.59 -32.65 19.20
C SER A 235 8.40 -31.49 20.13
N TRP A 236 9.34 -31.24 21.01
CA TRP A 236 9.22 -30.04 21.83
C TRP A 236 9.78 -28.86 21.03
N ILE A 237 8.94 -28.36 20.14
CA ILE A 237 9.31 -27.33 19.16
C ILE A 237 9.67 -26.06 19.90
N ILE A 238 10.91 -25.60 19.70
CA ILE A 238 11.34 -24.38 20.41
C ILE A 238 11.81 -23.29 19.45
N SER A 239 11.44 -22.06 19.79
CA SER A 239 11.48 -20.92 18.87
C SER A 239 12.83 -20.19 18.81
N VAL A 240 13.36 -20.05 17.60
CA VAL A 240 14.70 -19.50 17.39
C VAL A 240 14.79 -18.62 16.16
N GLU A 241 15.84 -17.82 16.07
CA GLU A 241 16.19 -17.22 14.80
C GLU A 241 17.38 -17.95 14.20
N LEU A 242 17.23 -18.38 12.96
CA LEU A 242 18.34 -19.03 12.29
C LEU A 242 19.14 -18.01 11.51
N ALA A 243 20.46 -18.13 11.59
CA ALA A 243 21.36 -17.42 10.70
C ALA A 243 22.04 -18.47 9.84
N ILE A 244 22.05 -18.23 8.53
CA ILE A 244 22.70 -19.15 7.59
C ILE A 244 23.69 -18.37 6.70
N GLY A 245 24.98 -18.68 6.86
CA GLY A 245 26.04 -17.95 6.17
C GLY A 245 27.39 -18.63 6.13
N PRO A 246 28.35 -18.06 5.38
CA PRO A 246 29.69 -18.62 5.18
C PRO A 246 30.60 -18.79 6.43
N GLU A 247 30.65 -17.81 7.34
CA GLU A 247 31.47 -17.97 8.57
C GLU A 247 30.65 -18.22 9.84
N GLU A 248 29.97 -19.36 9.86
CA GLU A 248 29.09 -19.74 10.93
C GLU A 248 28.30 -21.00 10.59
N GLY A 249 28.10 -21.24 9.29
CA GLY A 249 27.26 -22.34 8.82
C GLY A 249 25.83 -22.09 9.22
N ILE A 250 25.15 -23.13 9.68
CA ILE A 250 23.83 -22.99 10.27
C ILE A 250 23.97 -22.68 11.76
N SER A 251 23.36 -21.56 12.17
CA SER A 251 23.48 -21.06 13.53
C SER A 251 22.17 -20.55 14.09
N TYR A 252 21.89 -20.89 15.34
CA TYR A 252 20.80 -20.24 16.06
C TYR A 252 21.35 -19.19 16.99
N LEU A 253 20.68 -18.06 17.01
CA LEU A 253 20.96 -17.00 17.96
C LEU A 253 19.63 -16.62 18.58
N THR A 254 19.63 -16.48 19.90
CA THR A 254 18.49 -16.02 20.69
C THR A 254 18.94 -16.03 22.15
N ASP A 255 19.59 -14.95 22.60
CA ASP A 255 19.61 -13.65 21.92
C ASP A 255 20.78 -12.80 22.48
N LYS A 256 20.64 -11.46 22.61
CA LYS A 256 19.60 -10.66 21.94
C LYS A 256 20.22 -10.33 20.61
N GLY A 257 21.35 -9.61 20.70
CA GLY A 257 22.39 -9.67 19.69
C GLY A 257 23.26 -10.84 20.13
N ALA A 258 24.22 -10.54 21.01
CA ALA A 258 25.10 -11.54 21.65
C ALA A 258 25.71 -12.59 20.72
N ASN A 259 26.21 -13.68 21.31
CA ASN A 259 26.90 -14.72 20.55
C ASN A 259 25.93 -15.64 19.80
N PRO A 260 26.15 -15.81 18.48
CA PRO A 260 25.40 -16.84 17.76
C PRO A 260 25.97 -18.23 18.08
N THR A 261 25.08 -19.20 18.31
CA THR A 261 25.48 -20.57 18.63
C THR A 261 25.52 -21.39 17.35
N HIS A 262 26.58 -22.17 17.19
CA HIS A 262 26.81 -23.01 16.01
C HIS A 262 25.94 -24.25 16.07
N LEU A 263 25.44 -24.67 14.91
CA LEU A 263 24.59 -25.87 14.80
C LEU A 263 25.18 -26.95 13.90
N ALA A 264 25.68 -26.55 12.74
CA ALA A 264 26.38 -27.47 11.84
C ALA A 264 27.10 -26.68 10.76
N ASP A 265 28.06 -27.32 10.11
CA ASP A 265 28.66 -26.74 8.92
C ASP A 265 27.98 -27.37 7.70
N PHE A 266 28.04 -26.68 6.56
CA PHE A 266 27.40 -27.15 5.34
C PHE A 266 28.03 -28.43 4.82
N ASN A 267 29.34 -28.59 5.07
CA ASN A 267 30.04 -29.82 4.71
C ASN A 267 29.69 -31.02 5.57
N GLN A 268 28.83 -30.80 6.57
CA GLN A 268 28.35 -31.89 7.43
C GLN A 268 27.02 -32.42 6.91
N VAL A 269 26.40 -31.65 6.02
CA VAL A 269 25.01 -31.90 5.68
C VAL A 269 24.87 -33.03 4.71
N GLN A 270 24.40 -34.16 5.21
CA GLN A 270 24.15 -35.28 4.34
C GLN A 270 23.01 -34.97 3.34
N THR A 271 21.75 -34.93 3.78
CA THR A 271 20.66 -34.66 2.83
C THR A 271 19.59 -33.67 3.32
N ILE A 272 18.84 -33.14 2.35
CA ILE A 272 17.81 -32.15 2.59
C ILE A 272 16.48 -32.74 2.12
N GLN A 273 15.41 -32.39 2.82
CA GLN A 273 14.07 -32.83 2.53
C GLN A 273 13.19 -31.74 3.09
N TYR A 274 12.09 -31.45 2.42
CA TYR A 274 11.13 -30.49 2.94
C TYR A 274 9.73 -30.89 2.50
N SER A 275 8.73 -30.49 3.26
CA SER A 275 7.36 -30.88 2.96
C SER A 275 6.38 -29.91 3.58
N ASN A 276 5.13 -30.03 3.15
CA ASN A 276 4.05 -29.24 3.68
C ASN A 276 3.71 -29.73 5.08
N SER A 277 3.46 -28.79 6.01
CA SER A 277 3.00 -29.14 7.38
C SER A 277 1.85 -30.12 7.29
N GLU A 278 2.17 -31.39 7.45
CA GLU A 278 1.15 -32.43 7.44
C GLU A 278 0.18 -32.20 8.60
N ASP A 279 0.66 -31.50 9.63
CA ASP A 279 -0.18 -31.04 10.74
C ASP A 279 -1.19 -29.95 10.34
N LYS A 280 -1.95 -29.47 11.34
CA LYS A 280 -3.12 -28.61 11.11
C LYS A 280 -2.88 -27.40 10.18
N ASP A 281 -1.82 -26.63 10.47
CA ASP A 281 -1.57 -25.33 9.83
C ASP A 281 -1.26 -25.34 8.32
N ARG A 282 -0.02 -24.98 7.96
CA ARG A 282 0.35 -24.53 6.61
C ARG A 282 1.87 -24.32 6.58
N LYS A 283 2.47 -24.56 7.75
CA LYS A 283 3.89 -24.33 7.99
C LYS A 283 4.77 -25.18 7.08
N GLY A 284 6.01 -24.74 6.91
CA GLY A 284 7.00 -25.52 6.20
C GLY A 284 7.73 -26.44 7.14
N MET A 285 7.93 -27.68 6.70
CA MET A 285 8.66 -28.67 7.44
C MET A 285 9.96 -28.93 6.72
N LEU A 286 11.08 -28.79 7.42
CA LEU A 286 12.40 -28.97 6.81
C LEU A 286 13.29 -29.91 7.63
N GLN A 287 13.82 -30.93 6.98
CA GLN A 287 14.68 -31.92 7.64
C GLN A 287 16.09 -31.94 7.07
N LEU A 288 17.07 -31.92 7.97
CA LEU A 288 18.47 -32.03 7.60
C LEU A 288 19.13 -33.19 8.32
N LYS A 289 19.52 -34.21 7.57
CA LYS A 289 20.41 -35.24 8.13
C LYS A 289 21.84 -34.68 8.18
N ILE A 290 22.50 -34.85 9.33
CA ILE A 290 23.86 -34.34 9.51
C ILE A 290 24.86 -35.44 9.87
N ALA A 291 26.14 -35.09 9.75
CA ALA A 291 27.31 -35.92 10.09
C ALA A 291 27.15 -36.76 11.36
N GLY A 292 26.77 -38.02 11.17
CA GLY A 292 26.84 -39.02 12.24
C GLY A 292 25.76 -38.91 13.29
N ALA A 293 25.24 -37.70 13.50
CA ALA A 293 24.05 -37.49 14.30
C ALA A 293 22.92 -38.32 13.69
N PRO A 294 22.35 -39.25 14.48
CA PRO A 294 21.37 -40.19 13.93
C PRO A 294 20.00 -39.59 13.67
N GLU A 295 19.66 -38.49 14.36
CA GLU A 295 18.34 -37.84 14.25
C GLU A 295 18.42 -36.60 13.37
N PRO A 296 17.51 -36.47 12.39
CA PRO A 296 17.49 -35.29 11.51
C PRO A 296 17.26 -34.01 12.31
N LEU A 297 17.96 -32.94 11.92
CA LEU A 297 17.71 -31.62 12.46
C LEU A 297 16.42 -31.10 11.84
N THR A 298 15.42 -30.86 12.68
CA THR A 298 14.08 -30.56 12.18
C THR A 298 13.72 -29.10 12.35
N VAL A 299 13.37 -28.45 11.25
CA VAL A 299 13.02 -27.03 11.26
C VAL A 299 11.57 -26.84 10.83
N THR A 300 10.86 -25.97 11.55
CA THR A 300 9.50 -25.63 11.22
C THR A 300 9.54 -24.16 10.81
N ALA A 301 9.10 -23.89 9.59
CA ALA A 301 9.11 -22.55 9.07
C ALA A 301 7.66 -22.07 8.93
N PRO A 302 7.42 -20.75 9.11
CA PRO A 302 6.07 -20.18 9.06
C PRO A 302 5.25 -20.56 7.83
N SER A 303 5.90 -20.80 6.69
CA SER A 303 5.17 -21.14 5.46
C SER A 303 5.94 -22.16 4.64
N LEU A 304 5.25 -22.87 3.76
CA LEU A 304 5.93 -23.84 2.90
C LEU A 304 6.92 -23.11 2.01
N THR A 305 6.64 -21.84 1.76
CA THR A 305 7.51 -21.09 0.88
C THR A 305 8.84 -20.88 1.56
N ILE A 306 8.83 -20.28 2.74
CA ILE A 306 10.04 -20.08 3.51
C ILE A 306 10.86 -21.38 3.58
N ALA A 307 10.19 -22.49 3.94
CA ALA A 307 10.82 -23.80 3.94
C ALA A 307 11.59 -24.10 2.64
N GLU A 308 10.92 -23.88 1.50
CA GLU A 308 11.54 -24.06 0.18
C GLU A 308 12.74 -23.15 -0.01
N ASN A 309 12.58 -21.89 0.41
CA ASN A 309 13.65 -20.90 0.33
C ASN A 309 14.85 -21.25 1.18
N MET A 310 14.59 -21.84 2.34
CA MET A 310 15.66 -22.29 3.23
C MET A 310 16.38 -23.52 2.69
N ALA A 311 15.63 -24.43 2.08
CA ALA A 311 16.26 -25.57 1.40
C ALA A 311 17.18 -25.09 0.27
N ASP A 312 16.69 -24.14 -0.55
CA ASP A 312 17.53 -23.62 -1.60
C ASP A 312 18.82 -23.08 -1.04
N LEU A 313 18.72 -22.35 0.07
CA LEU A 313 19.90 -21.78 0.68
C LEU A 313 20.89 -22.88 1.04
N ILE A 314 20.41 -23.86 1.78
CA ILE A 314 21.28 -24.87 2.33
C ILE A 314 21.87 -25.73 1.22
N ASP A 315 21.06 -26.12 0.25
CA ASP A 315 21.55 -26.86 -0.91
C ASP A 315 22.70 -26.12 -1.57
N GLY A 316 22.40 -24.89 -2.00
CA GLY A 316 23.37 -24.01 -2.65
C GLY A 316 24.70 -24.08 -1.94
N TYR A 317 24.64 -23.89 -0.63
CA TYR A 317 25.85 -23.93 0.19
C TYR A 317 26.58 -25.26 0.12
N CYS A 318 25.86 -26.37 0.29
CA CYS A 318 26.47 -27.70 0.28
C CYS A 318 27.14 -27.93 -1.06
N ARG A 319 26.37 -27.65 -2.11
CA ARG A 319 26.77 -27.85 -3.49
C ARG A 319 27.98 -26.97 -3.83
N LEU A 320 28.25 -25.98 -3.00
CA LEU A 320 29.37 -25.10 -3.14
C LEU A 320 30.56 -25.59 -2.32
N VAL A 321 30.33 -25.87 -1.05
CA VAL A 321 31.37 -26.31 -0.10
C VAL A 321 32.07 -27.58 -0.60
N ASN A 322 31.28 -28.56 -1.02
CA ASN A 322 31.76 -29.68 -1.81
C ASN A 322 31.78 -29.21 -3.26
N GLY A 323 32.76 -29.66 -4.04
CA GLY A 323 32.85 -29.26 -5.45
C GLY A 323 31.83 -30.09 -6.20
N ALA A 324 30.56 -29.78 -5.97
CA ALA A 324 29.45 -30.64 -6.40
C ALA A 324 28.56 -29.98 -7.46
N THR A 325 27.88 -30.81 -8.25
CA THR A 325 27.06 -30.32 -9.36
C THR A 325 25.60 -30.71 -9.18
N GLN A 326 25.35 -31.91 -8.68
CA GLN A 326 23.97 -32.36 -8.42
C GLN A 326 23.48 -31.87 -7.04
N SER A 327 22.18 -32.05 -6.80
CA SER A 327 21.53 -31.53 -5.59
C SER A 327 21.72 -32.42 -4.35
N PHE A 328 21.36 -31.87 -3.20
CA PHE A 328 21.38 -32.59 -1.93
C PHE A 328 19.99 -32.71 -1.38
N ILE A 329 19.00 -32.42 -2.21
CA ILE A 329 17.61 -32.45 -1.79
C ILE A 329 16.98 -33.73 -2.33
N ILE A 330 16.60 -34.66 -1.45
CA ILE A 330 15.96 -35.90 -1.89
C ILE A 330 14.59 -35.57 -2.51
N ARG A 331 14.33 -36.18 -3.67
CA ARG A 331 13.10 -35.94 -4.45
C ARG A 331 11.93 -36.85 -4.03
N PRO A 332 10.72 -36.25 -3.86
CA PRO A 332 9.45 -36.88 -3.41
C PRO A 332 9.30 -38.39 -3.68
N THR A 364 18.90 -34.07 -28.23
CA THR A 364 19.08 -33.01 -27.24
C THR A 364 18.16 -31.79 -27.50
N ASP A 365 17.76 -31.12 -26.43
CA ASP A 365 16.89 -29.93 -26.56
C ASP A 365 17.10 -28.82 -25.51
N ASP A 366 17.87 -29.11 -24.47
CA ASP A 366 18.15 -28.12 -23.41
C ASP A 366 19.05 -26.98 -23.88
N TYR A 367 19.09 -26.79 -25.19
CA TYR A 367 19.63 -25.60 -25.84
C TYR A 367 19.24 -24.33 -25.09
N ALA A 368 20.19 -23.40 -24.94
CA ALA A 368 19.97 -22.16 -24.20
C ALA A 368 20.69 -20.98 -24.84
N GLU A 369 20.05 -20.37 -25.83
CA GLU A 369 20.67 -19.31 -26.61
C GLU A 369 20.48 -17.94 -25.93
N ILE A 370 21.49 -17.09 -26.06
CA ILE A 370 21.40 -15.70 -25.60
C ILE A 370 21.05 -14.76 -26.75
N ILE A 371 19.86 -14.20 -26.70
CA ILE A 371 19.42 -13.24 -27.72
C ILE A 371 19.12 -11.90 -27.08
N ASP A 372 18.80 -10.90 -27.91
CA ASP A 372 18.33 -9.60 -27.40
C ASP A 372 17.22 -9.01 -28.27
N GLU A 373 16.05 -8.82 -27.63
CA GLU A 373 14.89 -8.11 -28.19
C GLU A 373 14.95 -7.80 -29.69
N THR A 382 9.61 -0.58 -39.87
CA THR A 382 8.83 -0.65 -41.09
C THR A 382 9.14 0.51 -42.04
N ARG A 383 8.99 0.27 -43.35
CA ARG A 383 9.51 1.20 -44.36
C ARG A 383 8.70 1.33 -45.66
N ASP A 384 8.50 2.58 -46.08
CA ASP A 384 8.39 2.92 -47.50
C ASP A 384 9.83 2.75 -48.01
N TYR A 385 10.49 3.85 -48.38
CA TYR A 385 11.94 3.90 -48.73
C TYR A 385 12.77 2.60 -48.87
N GLU A 386 12.16 1.59 -49.48
CA GLU A 386 12.86 0.36 -49.85
C GLU A 386 13.45 0.56 -51.23
N ILE A 387 14.61 -0.04 -51.45
CA ILE A 387 15.28 0.03 -52.73
C ILE A 387 15.74 -1.39 -53.08
N GLN A 388 15.49 -1.80 -54.33
CA GLN A 388 15.98 -3.09 -54.77
C GLN A 388 17.45 -3.01 -55.14
N ARG A 389 18.20 -4.04 -54.73
CA ARG A 389 19.63 -4.00 -54.88
C ARG A 389 20.02 -3.97 -56.35
N GLU A 390 19.22 -4.62 -57.18
CA GLU A 390 19.44 -4.68 -58.62
C GLU A 390 19.36 -3.31 -59.26
N ARG A 391 18.91 -2.31 -58.51
CA ARG A 391 18.82 -0.95 -59.01
C ARG A 391 20.00 -0.10 -58.55
N ILE A 392 21.04 -0.76 -58.04
CA ILE A 392 22.22 -0.07 -57.55
C ILE A 392 23.47 -0.62 -58.24
N GLU A 393 24.24 0.27 -58.88
CA GLU A 393 25.58 -0.08 -59.37
C GLU A 393 26.60 0.34 -58.33
N LEU A 394 27.26 -0.63 -57.69
CA LEU A 394 28.13 -0.38 -56.54
C LEU A 394 29.57 0.01 -56.96
N GLY A 395 29.83 1.31 -57.00
CA GLY A 395 31.14 1.80 -57.40
C GLY A 395 32.25 1.67 -56.36
N ARG A 396 33.35 2.36 -56.64
CA ARG A 396 34.55 2.35 -55.81
C ARG A 396 34.28 2.67 -54.34
N CYS A 397 34.88 1.91 -53.45
CA CYS A 397 34.83 2.17 -52.02
C CYS A 397 35.46 3.54 -51.71
N ILE A 398 34.72 4.41 -51.01
CA ILE A 398 35.14 5.80 -50.76
C ILE A 398 35.53 6.14 -49.31
N GLY A 399 35.10 5.33 -48.35
CA GLY A 399 35.42 5.57 -46.93
C GLY A 399 35.32 4.32 -46.12
N GLU A 400 36.12 4.22 -45.05
CA GLU A 400 36.16 3.00 -44.23
C GLU A 400 35.13 3.04 -43.09
N GLY A 401 34.71 1.86 -42.65
CA GLY A 401 33.84 1.75 -41.49
C GLY A 401 34.40 0.73 -40.52
N GLN A 402 34.44 1.14 -39.24
CA GLN A 402 34.75 0.24 -38.12
C GLN A 402 33.65 -0.83 -38.01
N PHE A 403 32.63 -0.66 -38.85
CA PHE A 403 31.40 -1.45 -38.88
C PHE A 403 31.11 -1.87 -40.32
N GLY A 404 31.42 -0.97 -41.26
CA GLY A 404 31.24 -1.24 -42.67
C GLY A 404 31.72 -0.12 -43.56
N ASP A 405 32.20 -0.50 -44.74
CA ASP A 405 32.69 0.44 -45.72
C ASP A 405 31.58 1.29 -46.35
N VAL A 406 31.96 2.45 -46.86
CA VAL A 406 31.06 3.32 -47.59
C VAL A 406 31.56 3.34 -49.02
N HIS A 407 30.62 3.26 -49.96
CA HIS A 407 30.93 3.13 -51.38
C HIS A 407 30.24 4.21 -52.18
N GLN A 408 30.78 4.49 -53.36
CA GLN A 408 30.14 5.33 -54.35
C GLN A 408 29.13 4.47 -55.11
N GLY A 409 28.18 5.09 -55.79
CA GLY A 409 27.18 4.33 -56.53
C GLY A 409 26.27 5.07 -57.50
N ILE A 410 25.75 4.33 -58.47
CA ILE A 410 24.70 4.78 -59.36
C ILE A 410 23.42 4.17 -58.81
N TYR A 411 22.34 4.95 -58.79
CA TYR A 411 21.02 4.42 -58.48
C TYR A 411 20.04 4.76 -59.59
N MET A 412 19.64 3.75 -60.35
CA MET A 412 18.67 3.93 -61.41
C MET A 412 17.27 3.58 -60.91
N SER A 413 16.45 4.62 -60.70
CA SER A 413 15.06 4.46 -60.28
C SER A 413 14.15 4.46 -61.51
N PRO A 414 13.31 3.40 -61.68
CA PRO A 414 12.61 3.06 -62.93
C PRO A 414 11.98 4.30 -63.55
N GLU A 415 11.12 4.97 -62.77
CA GLU A 415 10.67 6.33 -63.07
C GLU A 415 11.70 7.32 -62.51
N ASN A 416 12.49 7.91 -63.44
CA ASN A 416 13.50 8.95 -63.14
C ASN A 416 14.92 8.59 -63.61
N PRO A 417 15.78 9.61 -63.83
CA PRO A 417 17.13 9.35 -64.35
C PRO A 417 18.05 8.78 -63.27
N ALA A 418 19.23 8.31 -63.68
CA ALA A 418 20.27 7.86 -62.77
C ALA A 418 20.63 8.93 -61.73
N MET A 419 21.29 8.49 -60.66
CA MET A 419 21.63 9.34 -59.54
C MET A 419 22.88 8.81 -58.86
N ALA A 420 23.82 9.71 -58.56
CA ALA A 420 25.00 9.34 -57.80
C ALA A 420 24.62 9.27 -56.33
N VAL A 421 25.01 8.18 -55.68
CA VAL A 421 24.64 7.93 -54.28
C VAL A 421 25.81 7.39 -53.46
N ALA A 422 25.74 7.58 -52.16
CA ALA A 422 26.66 6.90 -51.24
C ALA A 422 25.97 5.68 -50.65
N ILE A 423 26.75 4.63 -50.38
CA ILE A 423 26.22 3.35 -49.93
C ILE A 423 27.01 2.84 -48.75
N LYS A 424 26.40 2.85 -47.58
CA LYS A 424 27.07 2.32 -46.41
C LYS A 424 26.79 0.83 -46.25
N THR A 425 27.86 0.04 -46.30
CA THR A 425 27.77 -1.42 -46.34
C THR A 425 27.89 -2.02 -44.95
N CYS A 426 27.56 -3.31 -44.86
CA CYS A 426 27.56 -4.03 -43.60
C CYS A 426 28.35 -5.33 -43.79
N LYS A 427 29.23 -5.63 -42.83
CA LYS A 427 30.14 -6.80 -42.92
C LYS A 427 29.61 -8.04 -42.16
N ASN A 428 29.51 -7.95 -40.83
CA ASN A 428 28.87 -9.02 -40.04
C ASN A 428 27.37 -8.76 -39.92
N CYS A 429 26.73 -8.69 -41.10
CA CYS A 429 25.32 -8.33 -41.24
C CYS A 429 24.36 -9.48 -40.90
N THR A 430 24.86 -10.70 -40.97
CA THR A 430 24.06 -11.89 -40.64
C THR A 430 23.72 -12.00 -39.15
N SER A 431 24.67 -11.65 -38.27
CA SER A 431 24.45 -11.53 -36.82
C SER A 431 23.38 -10.45 -36.52
N ASP A 432 22.21 -10.90 -36.06
CA ASP A 432 20.94 -10.14 -36.19
C ASP A 432 20.73 -8.80 -35.49
N SER A 433 21.21 -8.65 -34.25
CA SER A 433 21.06 -7.38 -33.55
C SER A 433 22.02 -6.33 -34.12
N VAL A 434 23.19 -6.80 -34.56
CA VAL A 434 24.17 -5.96 -35.26
C VAL A 434 23.55 -5.41 -36.53
N ARG A 435 22.71 -6.22 -37.17
CA ARG A 435 21.89 -5.79 -38.29
C ARG A 435 20.85 -4.78 -37.85
N GLU A 436 20.17 -5.08 -36.74
CA GLU A 436 19.05 -4.28 -36.25
C GLU A 436 19.51 -2.90 -35.77
N LYS A 437 20.73 -2.85 -35.27
CA LYS A 437 21.36 -1.60 -34.85
C LYS A 437 21.89 -0.81 -36.05
N PHE A 438 22.38 -1.52 -37.06
CA PHE A 438 22.82 -0.86 -38.27
C PHE A 438 21.68 -0.06 -38.89
N LEU A 439 20.64 -0.74 -39.37
CA LEU A 439 19.51 -0.06 -40.00
C LEU A 439 18.60 0.71 -39.00
N GLN A 440 19.05 0.80 -37.75
CA GLN A 440 18.46 1.69 -36.77
C GLN A 440 18.84 3.12 -37.15
N GLU A 441 20.11 3.28 -37.54
CA GLU A 441 20.66 4.53 -38.06
C GLU A 441 19.82 5.12 -39.21
N ALA A 442 19.37 4.26 -40.12
CA ALA A 442 18.56 4.70 -41.26
C ALA A 442 17.21 5.21 -40.79
N LEU A 443 16.71 4.64 -39.71
CA LEU A 443 15.43 5.02 -39.13
C LEU A 443 15.47 6.45 -38.67
N THR A 444 16.56 6.83 -38.01
CA THR A 444 16.67 8.20 -37.50
C THR A 444 16.80 9.20 -38.65
N MET A 445 17.61 8.86 -39.65
CA MET A 445 17.78 9.71 -40.83
C MET A 445 16.49 9.98 -41.60
N ARG A 446 15.53 9.06 -41.50
CA ARG A 446 14.20 9.24 -42.08
C ARG A 446 13.62 10.57 -41.59
N GLN A 447 13.74 10.79 -40.28
CA GLN A 447 13.15 11.92 -39.56
C GLN A 447 13.62 13.29 -40.02
N PHE A 448 14.87 13.38 -40.44
CA PHE A 448 15.46 14.67 -40.75
C PHE A 448 15.31 15.06 -42.21
N ASP A 449 15.01 16.33 -42.45
CA ASP A 449 14.89 16.88 -43.78
C ASP A 449 15.31 18.32 -43.64
N HIS A 450 16.51 18.62 -44.12
CA HIS A 450 17.15 19.93 -43.94
C HIS A 450 18.35 19.97 -44.88
N PRO A 451 18.65 21.13 -45.47
CA PRO A 451 19.59 21.15 -46.59
C PRO A 451 21.09 21.01 -46.23
N HIS A 452 21.41 20.88 -44.94
CA HIS A 452 22.80 20.74 -44.51
C HIS A 452 22.98 19.52 -43.58
N ILE A 453 22.10 18.56 -43.81
CA ILE A 453 22.19 17.24 -43.21
C ILE A 453 22.16 16.28 -44.38
N VAL A 454 23.05 15.30 -44.38
CA VAL A 454 23.11 14.34 -45.50
C VAL A 454 21.84 13.51 -45.60
N LYS A 455 21.12 13.73 -46.70
CA LYS A 455 19.81 13.13 -46.97
C LYS A 455 19.81 11.61 -47.14
N LEU A 456 19.01 10.89 -46.34
CA LEU A 456 18.77 9.46 -46.56
C LEU A 456 17.95 9.28 -47.81
N ILE A 457 18.36 8.32 -48.64
CA ILE A 457 17.67 8.04 -49.89
C ILE A 457 16.87 6.73 -49.84
N GLY A 458 17.37 5.73 -49.11
CA GLY A 458 16.66 4.47 -48.97
C GLY A 458 17.48 3.44 -48.21
N VAL A 459 16.90 2.25 -48.03
CA VAL A 459 17.64 1.12 -47.49
C VAL A 459 17.33 -0.15 -48.25
N ILE A 460 18.21 -1.13 -48.08
CA ILE A 460 18.02 -2.48 -48.60
C ILE A 460 18.08 -3.34 -47.38
N THR A 461 16.94 -3.92 -47.03
CA THR A 461 16.73 -4.52 -45.72
C THR A 461 16.97 -6.02 -45.69
N GLU A 462 17.74 -6.53 -46.64
CA GLU A 462 18.17 -7.92 -46.69
C GLU A 462 19.69 -7.98 -46.59
N ASN A 463 20.24 -9.00 -45.92
CA ASN A 463 21.70 -9.11 -45.75
C ASN A 463 22.45 -9.18 -47.11
N PRO A 464 23.56 -8.42 -47.26
CA PRO A 464 24.03 -7.45 -46.28
C PRO A 464 23.17 -6.21 -46.38
N VAL A 465 22.86 -5.62 -45.24
CA VAL A 465 22.06 -4.42 -45.22
C VAL A 465 22.85 -3.25 -45.82
N TRP A 466 22.20 -2.50 -46.71
CA TRP A 466 22.75 -1.30 -47.33
C TRP A 466 21.91 -0.06 -46.99
N ILE A 467 22.59 1.05 -46.67
CA ILE A 467 21.88 2.31 -46.48
C ILE A 467 22.27 3.24 -47.60
N ILE A 468 21.29 3.70 -48.36
CA ILE A 468 21.55 4.57 -49.48
C ILE A 468 21.28 6.02 -49.11
N MET A 469 22.28 6.86 -49.34
CA MET A 469 22.16 8.29 -49.10
C MET A 469 22.73 9.06 -50.26
N GLU A 470 22.56 10.38 -50.24
CA GLU A 470 23.16 11.26 -51.25
C GLU A 470 24.67 11.28 -51.13
N LEU A 471 25.33 11.59 -52.24
CA LEU A 471 26.78 11.62 -52.28
C LEU A 471 27.26 13.06 -52.30
N CYS A 472 28.10 13.41 -51.34
CA CYS A 472 28.68 14.73 -51.32
C CYS A 472 29.98 14.73 -52.12
N THR A 473 29.83 15.05 -53.41
CA THR A 473 30.86 14.95 -54.45
C THR A 473 32.24 15.49 -54.07
N LEU A 474 32.29 16.66 -53.44
CA LEU A 474 33.58 17.29 -53.13
C LEU A 474 34.25 16.85 -51.83
N GLY A 475 33.72 15.80 -51.20
CA GLY A 475 34.44 15.08 -50.15
C GLY A 475 34.42 15.61 -48.74
N GLU A 476 35.32 15.06 -47.91
CA GLU A 476 35.47 15.46 -46.51
C GLU A 476 36.00 16.89 -46.38
N LEU A 477 35.53 17.59 -45.37
CA LEU A 477 35.76 19.02 -45.23
C LEU A 477 37.22 19.34 -44.93
N ARG A 478 37.85 18.56 -44.06
CA ARG A 478 39.23 18.79 -43.70
C ARG A 478 40.11 18.78 -44.95
N SER A 479 40.15 17.63 -45.64
CA SER A 479 40.83 17.52 -46.92
C SER A 479 40.49 18.69 -47.83
N PHE A 480 39.19 18.99 -47.93
CA PHE A 480 38.70 20.05 -48.80
C PHE A 480 39.37 21.38 -48.51
N LEU A 481 39.56 21.65 -47.22
CA LEU A 481 40.12 22.93 -46.78
C LEU A 481 41.63 22.97 -47.03
N GLN A 482 42.37 22.01 -46.49
CA GLN A 482 43.83 21.96 -46.71
C GLN A 482 44.17 22.25 -48.16
N VAL A 483 43.59 21.46 -49.07
CA VAL A 483 43.77 21.64 -50.51
C VAL A 483 43.53 23.09 -50.98
N ARG A 484 42.46 23.70 -50.50
CA ARG A 484 42.05 25.03 -50.96
C ARG A 484 42.41 26.14 -49.96
N LYS A 485 43.48 25.92 -49.20
CA LYS A 485 43.94 26.86 -48.18
C LYS A 485 44.11 28.30 -48.70
N PHE A 486 44.40 28.47 -49.98
CA PHE A 486 44.75 29.79 -50.54
C PHE A 486 43.81 30.26 -51.65
N SER A 487 42.63 29.67 -51.77
CA SER A 487 41.68 30.07 -52.81
C SER A 487 40.28 30.36 -52.25
N LEU A 488 40.14 30.24 -50.92
CA LEU A 488 38.88 30.49 -50.24
C LEU A 488 38.93 31.77 -49.44
N ASP A 489 38.08 32.72 -49.81
CA ASP A 489 37.87 33.92 -49.01
C ASP A 489 37.29 33.53 -47.65
N LEU A 490 37.57 34.36 -46.65
CA LEU A 490 37.04 34.18 -45.29
C LEU A 490 35.52 34.03 -45.26
N ALA A 491 34.82 34.86 -46.04
CA ALA A 491 33.35 34.74 -46.19
C ALA A 491 32.87 33.32 -46.46
N SER A 492 33.69 32.53 -47.16
CA SER A 492 33.39 31.11 -47.38
C SER A 492 33.57 30.28 -46.11
N LEU A 493 34.74 30.39 -45.47
CA LEU A 493 35.01 29.62 -44.27
C LEU A 493 33.89 29.77 -43.26
N ILE A 494 33.49 30.99 -42.96
CA ILE A 494 32.44 31.18 -41.97
C ILE A 494 31.05 30.83 -42.53
N LEU A 495 30.87 30.94 -43.84
CA LEU A 495 29.63 30.42 -44.44
C LEU A 495 29.39 28.98 -43.99
N TYR A 496 30.46 28.19 -43.95
CA TYR A 496 30.32 26.79 -43.64
C TYR A 496 29.81 26.64 -42.22
N ALA A 497 30.47 27.30 -41.26
CA ALA A 497 30.01 27.29 -39.86
C ALA A 497 28.55 27.72 -39.76
N TYR A 498 28.18 28.73 -40.54
CA TYR A 498 26.80 29.17 -40.53
C TYR A 498 25.86 28.04 -40.93
N GLN A 499 26.15 27.39 -42.07
CA GLN A 499 25.32 26.28 -42.55
C GLN A 499 25.27 25.14 -41.53
N LEU A 500 26.42 24.77 -41.00
CA LEU A 500 26.48 23.78 -39.95
C LEU A 500 25.55 24.11 -38.78
N SER A 501 25.62 25.37 -38.33
CA SER A 501 24.79 25.81 -37.19
C SER A 501 23.30 25.70 -37.51
N THR A 502 22.89 26.02 -38.74
CA THR A 502 21.49 25.87 -39.08
C THR A 502 21.04 24.43 -38.91
N ALA A 503 21.95 23.50 -39.21
CA ALA A 503 21.66 22.09 -39.12
C ALA A 503 21.55 21.72 -37.66
N LEU A 504 22.52 22.16 -36.87
CA LEU A 504 22.58 21.79 -35.48
C LEU A 504 21.42 22.41 -34.70
N ALA A 505 20.97 23.58 -35.15
CA ALA A 505 19.71 24.19 -34.69
C ALA A 505 18.53 23.26 -34.98
N TYR A 506 18.39 22.88 -36.24
CA TYR A 506 17.34 21.97 -36.64
C TYR A 506 17.31 20.71 -35.78
N LEU A 507 18.49 20.19 -35.45
CA LEU A 507 18.60 18.96 -34.67
C LEU A 507 18.19 19.17 -33.23
N GLU A 508 18.53 20.33 -32.68
CA GLU A 508 18.14 20.74 -31.34
C GLU A 508 16.62 20.77 -31.28
N SER A 509 16.01 21.32 -32.32
CA SER A 509 14.58 21.51 -32.35
C SER A 509 13.83 20.17 -32.30
N LYS A 510 14.55 19.08 -32.60
CA LYS A 510 13.99 17.72 -32.51
C LYS A 510 14.65 16.93 -31.38
N ARG A 511 15.22 17.65 -30.43
CA ARG A 511 15.93 17.06 -29.28
C ARG A 511 16.98 15.99 -29.62
N PHE A 512 17.61 16.08 -30.80
CA PHE A 512 18.60 15.08 -31.20
C PHE A 512 20.03 15.51 -30.90
N VAL A 513 20.68 14.78 -29.99
CA VAL A 513 22.11 14.98 -29.69
C VAL A 513 22.93 14.17 -30.68
N HIS A 514 24.02 14.76 -31.16
CA HIS A 514 24.82 14.12 -32.21
C HIS A 514 26.04 13.40 -31.65
N ARG A 515 26.61 13.93 -30.58
CA ARG A 515 27.71 13.31 -29.81
C ARG A 515 29.12 13.40 -30.42
N ASP A 516 29.21 13.62 -31.73
CA ASP A 516 30.52 13.74 -32.38
C ASP A 516 30.56 14.77 -33.51
N ILE A 517 30.62 16.04 -33.14
CA ILE A 517 30.71 17.13 -34.11
C ILE A 517 32.19 17.47 -34.30
N ALA A 518 32.61 17.45 -35.55
CA ALA A 518 34.00 17.60 -35.95
C ALA A 518 34.08 17.69 -37.46
N ALA A 519 35.16 18.27 -37.96
CA ALA A 519 35.28 18.45 -39.38
C ALA A 519 35.38 17.10 -40.11
N ARG A 520 35.75 16.05 -39.38
CA ARG A 520 35.81 14.70 -39.96
C ARG A 520 34.43 14.17 -40.34
N ASN A 521 33.39 14.71 -39.70
CA ASN A 521 32.03 14.28 -39.96
C ASN A 521 31.27 15.23 -40.87
N VAL A 522 32.00 16.11 -41.55
CA VAL A 522 31.38 17.04 -42.47
C VAL A 522 31.83 16.68 -43.87
N LEU A 523 30.91 16.78 -44.81
CA LEU A 523 31.20 16.55 -46.21
C LEU A 523 30.76 17.77 -47.01
N VAL A 524 31.38 17.94 -48.15
CA VAL A 524 31.18 19.11 -49.00
C VAL A 524 30.40 18.64 -50.22
N SER A 525 29.20 19.18 -50.42
CA SER A 525 28.38 18.74 -51.54
C SER A 525 28.49 19.69 -52.71
N ALA A 526 29.05 20.85 -52.46
CA ALA A 526 29.31 21.85 -53.49
C ALA A 526 30.17 22.99 -52.92
N THR A 527 30.67 23.84 -53.81
CA THR A 527 31.55 24.95 -53.39
C THR A 527 30.93 25.82 -52.27
N ASP A 528 29.63 26.10 -52.40
CA ASP A 528 28.89 26.95 -51.47
C ASP A 528 27.96 26.17 -50.53
N CYS A 529 28.33 24.92 -50.20
CA CYS A 529 27.43 24.05 -49.45
C CYS A 529 28.07 22.83 -48.78
N VAL A 530 27.91 22.74 -47.45
CA VAL A 530 28.39 21.60 -46.68
C VAL A 530 27.24 20.85 -45.96
N LYS A 531 27.49 19.60 -45.55
CA LYS A 531 26.44 18.81 -44.88
C LYS A 531 26.96 18.00 -43.70
N LEU A 532 26.06 17.69 -42.77
CA LEU A 532 26.40 16.94 -41.57
C LEU A 532 26.28 15.42 -41.74
N GLY A 533 27.14 14.71 -41.01
CA GLY A 533 27.59 13.36 -41.35
C GLY A 533 26.94 12.10 -40.84
N ASP A 534 27.48 11.56 -39.73
CA ASP A 534 27.33 10.11 -39.49
C ASP A 534 25.98 9.58 -38.93
N PHE A 535 25.53 10.05 -37.77
CA PHE A 535 24.29 9.55 -37.11
C PHE A 535 24.25 8.04 -36.77
N GLY A 536 25.37 7.45 -36.36
CA GLY A 536 25.45 6.04 -35.96
C GLY A 536 25.81 5.85 -34.50
N LEU A 537 25.46 4.68 -33.95
CA LEU A 537 25.64 4.31 -32.52
C LEU A 537 25.85 5.50 -31.57
N LYS A 553 38.30 4.26 -27.75
CA LYS A 553 38.66 5.11 -28.88
C LYS A 553 37.88 6.45 -28.86
N LEU A 554 37.91 7.15 -27.73
CA LEU A 554 37.15 8.40 -27.60
C LEU A 554 37.85 9.62 -28.19
N PRO A 555 37.11 10.44 -28.97
CA PRO A 555 37.59 11.71 -29.51
C PRO A 555 37.77 12.77 -28.42
N ILE A 556 38.70 12.51 -27.49
CA ILE A 556 38.88 13.34 -26.31
C ILE A 556 38.97 14.83 -26.62
N LYS A 557 39.86 15.18 -27.54
CA LYS A 557 40.20 16.57 -27.84
C LYS A 557 39.03 17.47 -28.27
N TRP A 558 37.93 16.88 -28.74
CA TRP A 558 36.77 17.66 -29.16
C TRP A 558 35.67 17.66 -28.10
N MET A 559 35.85 16.88 -27.04
CA MET A 559 34.78 16.66 -26.09
C MET A 559 34.63 17.76 -25.05
N ALA A 560 33.39 18.02 -24.65
CA ALA A 560 33.12 18.91 -23.53
C ALA A 560 33.58 18.22 -22.23
N PRO A 561 33.89 19.01 -21.18
CA PRO A 561 34.44 18.42 -19.96
C PRO A 561 33.46 17.49 -19.26
N GLU A 562 32.17 17.84 -19.26
CA GLU A 562 31.19 17.01 -18.60
C GLU A 562 31.02 15.66 -19.32
N SER A 563 31.42 15.62 -20.59
CA SER A 563 31.42 14.39 -21.38
C SER A 563 32.57 13.49 -20.96
N ILE A 564 33.74 14.09 -20.73
CA ILE A 564 34.89 13.34 -20.26
C ILE A 564 34.72 12.99 -18.78
N ASN A 565 33.92 13.76 -18.06
CA ASN A 565 33.77 13.57 -16.61
C ASN A 565 32.59 12.69 -16.23
N PHE A 566 31.41 13.02 -16.75
CA PHE A 566 30.18 12.37 -16.32
C PHE A 566 29.48 11.62 -17.44
N ARG A 567 30.21 11.32 -18.50
CA ARG A 567 29.66 10.63 -19.66
C ARG A 567 28.35 11.27 -20.12
N ARG A 568 28.16 12.55 -19.82
CA ARG A 568 26.92 13.24 -20.19
C ARG A 568 26.99 13.86 -21.58
N PHE A 569 25.92 13.70 -22.35
CA PHE A 569 25.89 14.16 -23.72
C PHE A 569 24.58 14.87 -24.06
N THR A 570 24.64 16.20 -24.01
CA THR A 570 23.49 17.04 -24.24
C THR A 570 23.75 17.90 -25.48
N SER A 571 22.74 18.65 -25.92
CA SER A 571 22.96 19.72 -26.88
C SER A 571 24.12 20.60 -26.44
N ALA A 572 24.15 20.95 -25.16
CA ALA A 572 25.20 21.79 -24.56
C ALA A 572 26.59 21.20 -24.63
N SER A 573 26.70 19.88 -24.76
CA SER A 573 28.00 19.23 -25.00
C SER A 573 28.33 19.35 -26.49
N ASP A 574 27.29 19.24 -27.30
CA ASP A 574 27.33 19.41 -28.74
C ASP A 574 27.91 20.76 -29.17
N VAL A 575 27.53 21.83 -28.45
CA VAL A 575 27.95 23.21 -28.72
C VAL A 575 29.46 23.43 -28.50
N TRP A 576 29.98 22.85 -27.44
CA TRP A 576 31.40 22.84 -27.19
C TRP A 576 32.16 22.29 -28.40
N MET A 577 31.80 21.08 -28.82
CA MET A 577 32.44 20.42 -29.96
C MET A 577 32.34 21.31 -31.19
N PHE A 578 31.14 21.86 -31.42
CA PHE A 578 30.92 22.77 -32.53
C PHE A 578 31.89 23.95 -32.51
N GLY A 579 32.27 24.36 -31.30
CA GLY A 579 33.27 25.39 -31.13
C GLY A 579 34.57 24.94 -31.73
N VAL A 580 35.01 23.75 -31.32
CA VAL A 580 36.25 23.17 -31.83
C VAL A 580 36.13 22.95 -33.32
N CYS A 581 34.92 22.62 -33.78
CA CYS A 581 34.70 22.41 -35.19
C CYS A 581 34.96 23.71 -35.92
N MET A 582 34.35 24.79 -35.41
CA MET A 582 34.52 26.14 -35.95
C MET A 582 35.99 26.55 -36.02
N TRP A 583 36.76 26.23 -34.99
CA TRP A 583 38.20 26.45 -34.97
C TRP A 583 38.87 25.74 -36.13
N GLU A 584 38.65 24.42 -36.21
CA GLU A 584 39.16 23.58 -37.29
C GLU A 584 38.91 24.20 -38.66
N ILE A 585 37.69 24.68 -38.87
CA ILE A 585 37.35 25.32 -40.13
C ILE A 585 38.30 26.49 -40.35
N LEU A 586 38.27 27.46 -39.44
CA LEU A 586 39.10 28.65 -39.56
C LEU A 586 40.60 28.32 -39.63
N MET A 587 41.00 27.20 -39.05
CA MET A 587 42.38 26.73 -39.14
C MET A 587 42.63 25.86 -40.37
N HIS A 588 41.75 26.01 -41.37
CA HIS A 588 41.89 25.33 -42.66
C HIS A 588 42.12 23.82 -42.58
N GLY A 589 41.48 23.17 -41.61
CA GLY A 589 41.52 21.73 -41.52
C GLY A 589 42.64 21.09 -40.71
N VAL A 590 43.24 21.87 -39.82
CA VAL A 590 44.23 21.32 -38.90
C VAL A 590 43.51 20.80 -37.64
N LYS A 591 44.03 19.73 -37.07
CA LYS A 591 43.47 19.15 -35.86
C LYS A 591 43.82 20.00 -34.64
N PRO A 592 42.87 20.16 -33.70
CA PRO A 592 43.15 20.81 -32.43
C PRO A 592 44.19 20.00 -31.65
N PHE A 593 45.06 20.70 -30.93
CA PHE A 593 46.16 20.10 -30.18
C PHE A 593 46.93 19.04 -30.99
N GLN A 594 47.66 19.47 -32.01
CA GLN A 594 48.62 18.53 -32.59
C GLN A 594 49.77 18.30 -31.61
N GLY A 595 50.18 17.03 -31.48
CA GLY A 595 51.31 16.66 -30.64
C GLY A 595 51.09 16.85 -29.15
N VAL A 596 49.83 16.89 -28.72
CA VAL A 596 49.54 16.78 -27.29
C VAL A 596 48.73 15.51 -27.02
N LYS A 597 49.19 14.74 -26.05
CA LYS A 597 48.50 13.55 -25.59
C LYS A 597 47.30 14.00 -24.75
N ASN A 598 46.29 13.13 -24.64
CA ASN A 598 44.99 13.54 -24.13
C ASN A 598 44.94 14.06 -22.69
N ASN A 599 45.77 13.50 -21.80
CA ASN A 599 45.76 13.90 -20.39
C ASN A 599 46.23 15.33 -20.13
N ASP A 600 47.20 15.79 -20.91
CA ASP A 600 47.68 17.16 -20.79
C ASP A 600 46.57 18.08 -21.26
N VAL A 601 45.83 17.62 -22.26
CA VAL A 601 44.70 18.37 -22.84
C VAL A 601 43.57 18.55 -21.82
N ILE A 602 43.08 17.44 -21.25
CA ILE A 602 42.07 17.54 -20.18
C ILE A 602 42.61 18.40 -19.05
N GLY A 603 43.92 18.26 -18.78
CA GLY A 603 44.61 19.07 -17.77
C GLY A 603 44.59 20.57 -18.05
N ARG A 604 44.91 20.93 -19.28
CA ARG A 604 44.90 22.33 -19.72
C ARG A 604 43.50 22.92 -19.76
N ILE A 605 42.57 22.17 -20.37
CA ILE A 605 41.16 22.53 -20.39
C ILE A 605 40.71 22.83 -18.96
N GLU A 606 41.11 21.94 -18.04
CA GLU A 606 40.78 22.06 -16.63
C GLU A 606 41.40 23.29 -15.96
N ASN A 607 42.56 23.72 -16.43
CA ASN A 607 43.25 24.87 -15.80
C ASN A 607 42.83 26.23 -16.34
N GLY A 608 42.28 26.27 -17.55
CA GLY A 608 41.83 27.51 -18.16
C GLY A 608 42.32 27.75 -19.58
N GLU A 609 43.32 26.96 -20.00
CA GLU A 609 43.86 27.05 -21.37
C GLU A 609 42.79 26.72 -22.40
N ARG A 610 42.75 27.49 -23.47
CA ARG A 610 41.86 27.21 -24.59
C ARG A 610 42.64 27.13 -25.90
N LEU A 611 41.93 26.89 -26.99
CA LEU A 611 42.53 26.91 -28.31
C LEU A 611 42.73 28.36 -28.69
N PRO A 612 43.91 28.71 -29.26
CA PRO A 612 44.24 30.09 -29.61
C PRO A 612 43.44 30.56 -30.81
N MET A 613 43.35 31.89 -30.97
CA MET A 613 42.70 32.47 -32.13
C MET A 613 43.45 32.17 -33.43
N PRO A 614 42.78 31.49 -34.37
CA PRO A 614 43.42 31.24 -35.66
C PRO A 614 43.71 32.57 -36.34
N PRO A 615 44.86 32.69 -37.01
CA PRO A 615 45.15 33.90 -37.78
C PRO A 615 43.95 34.20 -38.66
N ASN A 616 43.57 35.47 -38.73
CA ASN A 616 42.46 35.89 -39.60
C ASN A 616 41.04 35.79 -39.05
N CYS A 617 40.87 35.29 -37.83
CA CYS A 617 39.53 35.18 -37.26
C CYS A 617 39.01 36.52 -36.71
N PRO A 618 37.88 37.02 -37.25
CA PRO A 618 37.23 38.21 -36.69
C PRO A 618 37.07 38.06 -35.17
N PRO A 619 37.67 38.99 -34.40
CA PRO A 619 37.77 38.75 -32.96
C PRO A 619 36.40 38.59 -32.28
N THR A 620 35.34 39.02 -32.96
CA THR A 620 33.99 38.76 -32.49
C THR A 620 33.74 37.25 -32.51
N LEU A 621 33.76 36.66 -33.71
CA LEU A 621 33.64 35.20 -33.85
C LEU A 621 34.51 34.42 -32.87
N TYR A 622 35.80 34.78 -32.72
CA TYR A 622 36.66 34.04 -31.79
C TYR A 622 36.12 34.05 -30.37
N SER A 623 35.49 35.15 -29.96
CA SER A 623 34.91 35.22 -28.62
C SER A 623 33.67 34.33 -28.49
N LEU A 624 32.93 34.21 -29.60
CA LEU A 624 31.84 33.24 -29.73
C LEU A 624 32.36 31.82 -29.51
N MET A 625 33.48 31.47 -30.13
CA MET A 625 34.12 30.17 -29.92
C MET A 625 34.37 29.89 -28.44
N THR A 626 34.86 30.89 -27.72
CA THR A 626 35.19 30.77 -26.30
C THR A 626 33.92 30.80 -25.44
N LYS A 627 32.85 31.41 -25.96
CA LYS A 627 31.55 31.32 -25.32
C LYS A 627 31.00 29.89 -25.40
N CYS A 628 31.33 29.20 -26.49
CA CYS A 628 31.01 27.78 -26.64
C CYS A 628 31.86 26.93 -25.72
N TRP A 629 33.01 27.46 -25.32
CA TRP A 629 33.95 26.71 -24.47
C TRP A 629 33.85 27.06 -22.97
N ALA A 630 32.66 27.53 -22.56
CA ALA A 630 32.30 27.77 -21.16
C ALA A 630 32.19 26.46 -20.36
N TYR A 631 33.05 26.30 -19.36
CA TYR A 631 33.08 25.07 -18.54
C TYR A 631 31.70 24.67 -18.06
N ASP A 632 31.03 25.59 -17.38
CA ASP A 632 29.64 25.40 -17.00
C ASP A 632 28.79 25.37 -18.27
N PRO A 633 28.26 24.18 -18.61
CA PRO A 633 27.52 23.99 -19.86
C PRO A 633 26.31 24.92 -20.05
N SER A 634 25.81 25.51 -18.96
CA SER A 634 24.61 26.36 -19.03
C SER A 634 24.92 27.81 -19.44
N ARG A 635 26.19 28.20 -19.33
CA ARG A 635 26.65 29.50 -19.81
C ARG A 635 27.02 29.45 -21.30
N ARG A 636 26.92 28.27 -21.90
CA ARG A 636 27.22 28.11 -23.32
C ARG A 636 26.05 28.64 -24.13
N PRO A 637 26.32 29.19 -25.32
CA PRO A 637 25.24 29.60 -26.20
C PRO A 637 24.33 28.43 -26.57
N ARG A 638 23.11 28.77 -26.95
CA ARG A 638 22.19 27.83 -27.57
C ARG A 638 22.61 27.64 -29.04
N PHE A 639 22.04 26.64 -29.71
CA PHE A 639 22.30 26.49 -31.15
C PHE A 639 21.51 27.49 -31.99
N THR A 640 20.28 27.77 -31.57
CA THR A 640 19.43 28.76 -32.22
C THR A 640 20.06 30.18 -32.15
N GLU A 641 20.97 30.36 -31.19
CA GLU A 641 21.62 31.63 -30.92
C GLU A 641 22.90 31.82 -31.72
N LEU A 642 23.73 30.78 -31.78
CA LEU A 642 24.92 30.78 -32.62
C LEU A 642 24.51 30.92 -34.06
N LYS A 643 23.33 30.43 -34.41
CA LYS A 643 22.79 30.59 -35.74
C LYS A 643 22.66 32.08 -36.00
N ALA A 644 21.71 32.73 -35.31
CA ALA A 644 21.50 34.18 -35.38
C ALA A 644 22.79 35.04 -35.43
N GLN A 645 23.73 34.75 -34.54
CA GLN A 645 24.99 35.49 -34.47
C GLN A 645 25.80 35.34 -35.77
N LEU A 646 26.08 34.10 -36.17
CA LEU A 646 26.87 33.80 -37.37
C LEU A 646 26.22 34.42 -38.60
N SER A 647 24.89 34.39 -38.60
CA SER A 647 24.11 35.03 -39.63
C SER A 647 24.65 36.46 -39.82
N THR A 648 24.65 37.25 -38.76
CA THR A 648 25.13 38.63 -38.82
C THR A 648 26.63 38.70 -39.06
N ILE A 649 27.40 37.95 -38.28
CA ILE A 649 28.85 37.89 -38.45
C ILE A 649 29.26 37.53 -39.89
N LEU A 650 28.35 36.88 -40.61
CA LEU A 650 28.55 36.59 -42.02
C LEU A 650 28.21 37.82 -42.85
N GLU A 651 26.96 38.30 -42.77
CA GLU A 651 26.55 39.47 -43.52
C GLU A 651 27.61 40.57 -43.48
N GLU A 652 28.13 40.81 -42.28
CA GLU A 652 29.19 41.79 -42.07
C GLU A 652 30.45 41.42 -42.85
N GLU A 653 30.76 40.13 -42.89
CA GLU A 653 31.90 39.64 -43.64
C GLU A 653 31.69 39.70 -45.15
N LYS A 654 30.46 39.52 -45.60
CA LYS A 654 30.13 39.58 -47.02
C LYS A 654 30.43 40.95 -47.61
N LEU A 655 30.02 42.00 -46.90
CA LEU A 655 30.25 43.38 -47.33
C LEU A 655 31.71 43.80 -47.16
N GLN A 656 32.50 42.91 -46.54
CA GLN A 656 33.93 43.11 -46.19
C GLN A 656 34.12 44.14 -45.08
N ARG B 5 -14.07 -24.20 15.88
CA ARG B 5 -13.05 -23.15 16.17
C ARG B 5 -13.70 -21.76 16.29
N VAL B 6 -12.97 -20.74 15.85
CA VAL B 6 -13.32 -19.35 16.13
C VAL B 6 -13.26 -18.58 14.82
N LEU B 7 -14.28 -17.77 14.53
CA LEU B 7 -14.33 -17.00 13.29
C LEU B 7 -14.90 -15.60 13.49
N LYS B 8 -14.18 -14.60 12.98
CA LYS B 8 -14.56 -13.18 13.08
C LYS B 8 -15.23 -12.70 11.78
N VAL B 9 -16.50 -12.35 11.91
CA VAL B 9 -17.31 -12.01 10.75
C VAL B 9 -17.79 -10.58 10.90
N PHE B 10 -17.17 -9.69 10.13
CA PHE B 10 -17.60 -8.29 10.07
C PHE B 10 -18.97 -8.20 9.41
N HIS B 11 -19.77 -7.22 9.84
CA HIS B 11 -21.06 -6.98 9.20
C HIS B 11 -21.47 -5.52 9.27
N TYR B 12 -22.75 -5.28 8.95
CA TYR B 12 -23.31 -3.93 8.89
C TYR B 12 -24.57 -3.79 9.75
N PHE B 13 -24.56 -4.47 10.90
CA PHE B 13 -25.57 -4.30 11.93
C PHE B 13 -25.06 -3.32 13.01
N GLU B 14 -25.70 -2.14 13.07
CA GLU B 14 -25.17 -0.99 13.81
C GLU B 14 -25.05 -1.17 15.32
N ASN B 15 -23.92 -0.70 15.85
CA ASN B 15 -23.59 -0.82 17.27
C ASN B 15 -22.75 0.38 17.72
N SER B 16 -23.08 0.96 18.87
CA SER B 16 -22.49 2.23 19.33
C SER B 16 -20.96 2.36 19.16
N SER B 17 -20.28 1.22 19.14
CA SER B 17 -18.83 1.17 18.92
C SER B 17 -18.39 1.80 17.59
N GLU B 18 -17.10 1.76 17.33
CA GLU B 18 -16.56 2.21 16.06
C GLU B 18 -17.12 1.32 14.93
N PRO B 19 -17.45 1.92 13.75
CA PRO B 19 -18.04 1.18 12.62
C PRO B 19 -17.19 0.00 12.11
N THR B 20 -16.03 0.28 11.52
CA THR B 20 -15.12 -0.76 11.06
C THR B 20 -14.97 -1.94 12.04
N THR B 21 -15.32 -1.73 13.31
CA THR B 21 -15.24 -2.77 14.34
C THR B 21 -16.57 -3.49 14.60
N TRP B 22 -17.53 -3.36 13.67
CA TRP B 22 -18.77 -4.11 13.79
C TRP B 22 -18.58 -5.50 13.25
N ALA B 23 -18.69 -6.48 14.14
CA ALA B 23 -18.51 -7.88 13.79
C ALA B 23 -19.28 -8.76 14.77
N SER B 24 -19.33 -10.04 14.43
CA SER B 24 -19.75 -11.07 15.36
C SER B 24 -18.63 -12.10 15.44
N ILE B 25 -18.64 -12.90 16.50
CA ILE B 25 -17.58 -13.88 16.74
C ILE B 25 -18.20 -15.21 17.14
N ILE B 26 -18.01 -16.24 16.30
CA ILE B 26 -18.72 -17.51 16.45
C ILE B 26 -17.79 -18.70 16.71
N ARG B 27 -18.30 -19.72 17.40
CA ARG B 27 -17.64 -21.03 17.50
C ARG B 27 -18.34 -22.10 16.67
N HIS B 28 -17.58 -22.77 15.81
CA HIS B 28 -18.11 -23.81 14.93
C HIS B 28 -17.39 -25.14 15.22
N GLY B 29 -18.16 -26.14 15.65
CA GLY B 29 -17.60 -27.46 15.97
C GLY B 29 -17.43 -28.34 14.75
N ASP B 30 -17.03 -27.72 13.64
CA ASP B 30 -16.76 -28.39 12.37
C ASP B 30 -18.02 -28.91 11.69
N ALA B 31 -17.88 -29.29 10.41
CA ALA B 31 -19.01 -29.69 9.56
C ALA B 31 -20.14 -28.64 9.53
N THR B 32 -19.83 -27.44 10.02
CA THR B 32 -20.73 -26.29 9.92
C THR B 32 -20.45 -25.59 8.61
N ASP B 33 -21.50 -25.39 7.83
CA ASP B 33 -21.40 -24.79 6.50
C ASP B 33 -21.61 -23.28 6.55
N VAL B 34 -21.19 -22.58 5.50
CA VAL B 34 -21.35 -21.12 5.39
C VAL B 34 -22.78 -20.67 5.66
N ARG B 35 -23.75 -21.42 5.15
CA ARG B 35 -25.17 -21.19 5.43
C ARG B 35 -25.47 -21.05 6.94
N GLY B 36 -24.78 -21.84 7.76
CA GLY B 36 -25.01 -21.83 9.20
C GLY B 36 -24.65 -20.49 9.82
N ILE B 37 -23.47 -19.98 9.46
CA ILE B 37 -23.01 -18.67 9.92
C ILE B 37 -23.96 -17.55 9.52
N ILE B 38 -24.36 -17.51 8.26
CA ILE B 38 -25.29 -16.49 7.79
C ILE B 38 -26.56 -16.53 8.63
N GLN B 39 -27.22 -17.69 8.66
CA GLN B 39 -28.51 -17.83 9.36
C GLN B 39 -28.46 -17.34 10.80
N LYS B 40 -27.32 -17.58 11.46
CA LYS B 40 -27.08 -17.15 12.83
C LYS B 40 -27.06 -15.63 12.95
N ILE B 41 -26.01 -15.02 12.40
CA ILE B 41 -25.85 -13.59 12.50
C ILE B 41 -27.15 -12.87 12.18
N VAL B 42 -27.92 -13.35 11.20
CA VAL B 42 -29.13 -12.64 10.80
C VAL B 42 -30.33 -12.91 11.71
N ASP B 43 -30.30 -14.04 12.42
CA ASP B 43 -31.40 -14.44 13.29
C ASP B 43 -31.44 -13.66 14.61
N CYS B 44 -30.26 -13.27 15.10
CA CYS B 44 -30.18 -12.38 16.25
C CYS B 44 -30.79 -11.02 15.92
N HIS B 45 -30.49 -10.52 14.73
CA HIS B 45 -30.97 -9.20 14.33
C HIS B 45 -32.39 -9.27 13.69
N LYS B 46 -33.00 -10.46 13.75
CA LYS B 46 -34.40 -10.67 13.34
C LYS B 46 -34.69 -10.27 11.89
N VAL B 47 -33.83 -10.70 10.97
CA VAL B 47 -33.93 -10.33 9.56
C VAL B 47 -35.04 -11.12 8.89
N LYS B 48 -35.85 -10.45 8.06
CA LYS B 48 -36.80 -11.18 7.23
C LYS B 48 -36.17 -11.79 5.97
N ASN B 49 -35.53 -10.96 5.13
CA ASN B 49 -34.97 -11.43 3.85
C ASN B 49 -33.61 -12.08 3.97
N VAL B 50 -33.59 -13.25 4.59
CA VAL B 50 -32.37 -14.01 4.82
C VAL B 50 -31.66 -14.34 3.52
N ALA B 51 -32.44 -14.56 2.47
CA ALA B 51 -31.88 -14.94 1.17
C ALA B 51 -30.95 -13.87 0.59
N CYS B 52 -31.07 -12.62 1.07
CA CYS B 52 -30.31 -11.52 0.49
C CYS B 52 -28.82 -11.52 0.83
N TYR B 53 -28.47 -12.12 1.96
CA TYR B 53 -27.11 -12.03 2.48
C TYR B 53 -26.25 -13.18 1.98
N GLY B 54 -25.01 -12.86 1.65
CA GLY B 54 -24.00 -13.85 1.29
C GLY B 54 -22.77 -13.58 2.14
N LEU B 55 -21.85 -14.53 2.16
CA LEU B 55 -20.62 -14.34 2.91
C LEU B 55 -19.43 -14.11 1.98
N ARG B 56 -18.78 -12.96 2.13
CA ARG B 56 -17.60 -12.65 1.33
C ARG B 56 -16.30 -12.65 2.12
N LEU B 57 -15.30 -13.33 1.57
CA LEU B 57 -13.98 -13.43 2.16
C LEU B 57 -12.96 -12.66 1.34
N SER B 58 -12.17 -11.83 2.01
CA SER B 58 -11.16 -11.05 1.32
C SER B 58 -9.89 -10.76 2.14
N HIS B 59 -8.75 -10.86 1.45
CA HIS B 59 -7.45 -10.53 1.98
C HIS B 59 -7.33 -9.02 2.08
N LEU B 60 -6.44 -8.56 2.96
CA LEU B 60 -6.32 -7.14 3.26
C LEU B 60 -5.31 -6.47 2.32
N GLN B 61 -4.44 -7.28 1.71
CA GLN B 61 -3.38 -6.78 0.83
C GLN B 61 -3.80 -6.67 -0.65
N SER B 62 -4.28 -7.79 -1.23
CA SER B 62 -4.85 -7.80 -2.59
C SER B 62 -6.34 -7.46 -2.57
N GLU B 63 -6.86 -7.06 -3.73
CA GLU B 63 -8.26 -6.64 -3.85
C GLU B 63 -9.22 -7.73 -4.32
N GLU B 64 -8.67 -8.91 -4.64
CA GLU B 64 -9.50 -10.01 -5.09
C GLU B 64 -10.42 -10.50 -3.97
N VAL B 65 -11.51 -11.14 -4.36
CA VAL B 65 -12.67 -11.32 -3.51
C VAL B 65 -13.22 -12.74 -3.63
N HIS B 66 -13.69 -13.31 -2.52
CA HIS B 66 -14.26 -14.66 -2.56
C HIS B 66 -15.63 -14.79 -1.91
N TRP B 67 -16.61 -15.18 -2.71
CA TRP B 67 -17.93 -15.43 -2.20
C TRP B 67 -18.00 -16.92 -1.96
N LEU B 68 -18.31 -17.28 -0.74
CA LEU B 68 -18.22 -18.66 -0.31
C LEU B 68 -19.56 -19.35 -0.46
N HIS B 69 -19.57 -20.46 -1.18
CA HIS B 69 -20.79 -21.26 -1.34
C HIS B 69 -21.42 -21.53 0.01
N LEU B 70 -22.76 -21.52 0.04
CA LEU B 70 -23.51 -21.83 1.25
C LEU B 70 -23.09 -23.17 1.87
N ASP B 71 -23.14 -24.23 1.07
CA ASP B 71 -22.98 -25.62 1.54
C ASP B 71 -21.59 -25.99 2.04
N MET B 72 -20.58 -25.19 1.70
CA MET B 72 -19.22 -25.47 2.13
C MET B 72 -19.06 -25.31 3.63
N GLY B 73 -18.36 -26.28 4.24
CA GLY B 73 -18.08 -26.23 5.67
C GLY B 73 -17.02 -25.19 6.00
N VAL B 74 -17.35 -24.33 6.96
CA VAL B 74 -16.47 -23.24 7.41
C VAL B 74 -15.00 -23.69 7.56
N SER B 75 -14.80 -24.88 8.11
CA SER B 75 -13.47 -25.41 8.42
C SER B 75 -12.58 -25.59 7.18
N ASN B 76 -13.10 -26.30 6.18
CA ASN B 76 -12.39 -26.52 4.92
C ASN B 76 -12.14 -25.23 4.14
N VAL B 77 -13.08 -24.29 4.23
CA VAL B 77 -12.93 -22.95 3.67
C VAL B 77 -11.67 -22.30 4.24
N ARG B 78 -11.61 -22.28 5.56
CA ARG B 78 -10.46 -21.80 6.28
C ARG B 78 -9.25 -22.57 5.77
N GLU B 79 -9.31 -23.89 5.95
CA GLU B 79 -8.30 -24.83 5.48
C GLU B 79 -7.63 -24.42 4.17
N LYS B 80 -8.45 -24.13 3.15
CA LYS B 80 -7.96 -23.99 1.77
C LYS B 80 -7.65 -22.56 1.31
N PHE B 81 -7.85 -21.58 2.17
CA PHE B 81 -7.38 -20.22 1.90
C PHE B 81 -6.22 -19.93 2.85
N GLU B 82 -6.38 -20.40 4.09
CA GLU B 82 -5.33 -20.34 5.10
C GLU B 82 -4.07 -20.99 4.57
N LEU B 83 -4.24 -22.11 3.84
CA LEU B 83 -3.18 -22.72 3.02
C LEU B 83 -2.16 -21.66 2.59
N ALA B 84 -2.64 -20.64 1.86
CA ALA B 84 -1.78 -19.54 1.41
C ALA B 84 -1.38 -18.62 2.56
N HIS B 85 -2.29 -17.74 2.97
CA HIS B 85 -1.99 -16.68 3.93
C HIS B 85 -2.48 -17.02 5.33
N PRO B 86 -1.83 -16.42 6.36
CA PRO B 86 -2.25 -16.55 7.76
C PRO B 86 -3.61 -15.89 8.04
N PRO B 87 -4.44 -16.52 8.91
CA PRO B 87 -5.82 -16.12 9.26
C PRO B 87 -6.08 -14.63 9.56
N GLU B 88 -5.08 -13.90 10.05
CA GLU B 88 -5.29 -12.48 10.45
C GLU B 88 -4.90 -11.48 9.36
N GLU B 89 -4.73 -11.98 8.13
CA GLU B 89 -4.72 -11.11 6.94
C GLU B 89 -5.88 -11.45 5.99
N TRP B 90 -6.78 -12.30 6.47
CA TRP B 90 -8.08 -12.57 5.84
C TRP B 90 -9.17 -11.77 6.53
N LYS B 91 -10.20 -11.40 5.77
CA LYS B 91 -11.38 -10.76 6.35
C LYS B 91 -12.64 -11.42 5.84
N TYR B 92 -13.53 -11.78 6.76
CA TYR B 92 -14.84 -12.26 6.40
C TYR B 92 -15.84 -11.17 6.72
N GLU B 93 -16.65 -10.80 5.75
CA GLU B 93 -17.80 -9.96 6.04
C GLU B 93 -19.07 -10.48 5.41
N LEU B 94 -20.17 -10.32 6.13
CA LEU B 94 -21.48 -10.62 5.64
C LEU B 94 -21.94 -9.42 4.81
N ARG B 95 -22.51 -9.67 3.65
CA ARG B 95 -22.98 -8.58 2.81
C ARG B 95 -24.29 -8.95 2.12
N ILE B 96 -25.16 -7.96 1.91
CA ILE B 96 -26.34 -8.15 1.07
C ILE B 96 -25.89 -8.12 -0.38
N ARG B 97 -26.16 -9.18 -1.14
CA ARG B 97 -25.75 -9.26 -2.55
C ARG B 97 -26.91 -9.47 -3.52
N TYR B 98 -27.92 -10.19 -3.07
CA TYR B 98 -29.05 -10.61 -3.91
C TYR B 98 -30.20 -9.71 -3.55
N LEU B 99 -30.63 -8.89 -4.51
CA LEU B 99 -31.66 -7.87 -4.28
C LEU B 99 -32.98 -8.25 -4.94
N PRO B 100 -34.07 -8.25 -4.16
CA PRO B 100 -35.39 -8.39 -4.74
C PRO B 100 -35.69 -7.21 -5.66
N LYS B 101 -36.85 -7.25 -6.32
CA LYS B 101 -37.07 -6.38 -7.44
C LYS B 101 -37.28 -4.92 -7.02
N GLY B 102 -38.13 -4.70 -6.01
CA GLY B 102 -38.26 -3.36 -5.46
C GLY B 102 -37.45 -3.34 -4.19
N PHE B 103 -36.19 -3.77 -4.27
CA PHE B 103 -35.41 -4.06 -3.06
C PHE B 103 -35.56 -3.03 -1.94
N LEU B 104 -35.32 -1.76 -2.25
CA LEU B 104 -35.50 -0.71 -1.25
C LEU B 104 -36.87 -0.79 -0.60
N ASN B 105 -37.90 -0.54 -1.41
CA ASN B 105 -39.26 -0.51 -0.91
C ASN B 105 -39.60 -1.74 -0.09
N GLN B 106 -39.00 -2.88 -0.45
CA GLN B 106 -39.26 -4.12 0.24
C GLN B 106 -38.63 -4.14 1.63
N PHE B 107 -37.39 -3.68 1.68
CA PHE B 107 -36.63 -3.62 2.92
C PHE B 107 -37.29 -2.72 3.95
N THR B 108 -38.04 -1.74 3.46
CA THR B 108 -38.91 -0.87 4.25
C THR B 108 -39.71 -1.62 5.31
N GLU B 109 -40.14 -2.83 4.97
CA GLU B 109 -40.84 -3.68 5.93
C GLU B 109 -39.90 -4.62 6.69
N ASP B 110 -38.59 -4.48 6.44
CA ASP B 110 -37.60 -5.26 7.15
C ASP B 110 -36.48 -4.37 7.63
N LYS B 111 -36.82 -3.45 8.53
CA LYS B 111 -35.90 -2.43 9.06
C LYS B 111 -34.43 -2.85 9.17
N PRO B 112 -34.14 -3.95 9.90
CA PRO B 112 -32.74 -4.31 10.16
C PRO B 112 -31.94 -4.51 8.86
N THR B 113 -32.66 -4.82 7.78
CA THR B 113 -32.08 -5.02 6.47
C THR B 113 -31.97 -3.70 5.71
N LEU B 114 -32.96 -2.83 5.85
CA LEU B 114 -32.85 -1.50 5.29
C LEU B 114 -31.59 -0.87 5.87
N ASN B 115 -31.50 -0.95 7.20
CA ASN B 115 -30.34 -0.47 7.91
C ASN B 115 -29.06 -1.12 7.46
N PHE B 116 -29.02 -2.45 7.46
CA PHE B 116 -27.84 -3.16 6.97
C PHE B 116 -27.43 -2.62 5.60
N PHE B 117 -28.36 -2.62 4.67
CA PHE B 117 -28.07 -2.21 3.30
C PHE B 117 -27.65 -0.75 3.21
N TYR B 118 -28.35 0.11 3.93
CA TYR B 118 -27.93 1.49 4.01
C TYR B 118 -26.45 1.60 4.45
N GLN B 119 -26.11 0.90 5.53
CA GLN B 119 -24.76 0.95 6.07
C GLN B 119 -23.74 0.45 5.07
N GLN B 120 -24.02 -0.71 4.49
CA GLN B 120 -23.10 -1.38 3.58
C GLN B 120 -22.80 -0.48 2.39
N VAL B 121 -23.85 0.11 1.81
CA VAL B 121 -23.68 1.03 0.70
C VAL B 121 -22.93 2.31 1.10
N LYS B 122 -23.42 3.00 2.13
CA LYS B 122 -22.76 4.23 2.59
C LYS B 122 -21.26 3.98 2.78
N ASN B 123 -20.94 2.89 3.47
CA ASN B 123 -19.55 2.52 3.66
C ASN B 123 -18.74 2.49 2.35
N ASP B 124 -19.31 1.88 1.31
CA ASP B 124 -18.65 1.78 0.01
C ASP B 124 -18.55 3.17 -0.63
N TYR B 125 -19.57 3.99 -0.40
CA TYR B 125 -19.54 5.35 -0.90
C TYR B 125 -18.36 6.08 -0.29
N MET B 126 -18.19 5.91 1.03
CA MET B 126 -17.11 6.57 1.75
C MET B 126 -15.73 6.09 1.28
N LEU B 127 -15.58 4.78 1.18
CA LEU B 127 -14.33 4.16 0.75
C LEU B 127 -13.96 4.41 -0.72
N GLU B 128 -14.97 4.46 -1.61
CA GLU B 128 -14.70 4.47 -3.05
C GLU B 128 -14.80 5.80 -3.79
N ILE B 129 -15.90 6.53 -3.63
CA ILE B 129 -16.05 7.80 -4.36
C ILE B 129 -16.50 9.04 -3.57
N ALA B 130 -16.28 9.06 -2.26
CA ALA B 130 -16.69 10.19 -1.44
C ALA B 130 -15.87 11.45 -1.77
N ASP B 131 -14.55 11.27 -1.85
CA ASP B 131 -13.62 12.38 -2.13
C ASP B 131 -13.84 13.07 -3.47
N GLN B 132 -14.16 12.30 -4.51
CA GLN B 132 -14.22 12.87 -5.85
C GLN B 132 -15.64 13.15 -6.35
N VAL B 133 -16.63 12.95 -5.48
CA VAL B 133 -17.99 13.31 -5.82
C VAL B 133 -18.20 14.82 -5.67
N ASP B 134 -19.19 15.33 -6.38
CA ASP B 134 -19.68 16.68 -6.19
C ASP B 134 -19.84 17.04 -4.70
N GLN B 135 -19.43 18.26 -4.36
CA GLN B 135 -19.41 18.74 -2.97
C GLN B 135 -20.79 18.99 -2.33
N GLU B 136 -21.83 19.18 -3.15
CA GLU B 136 -23.18 19.34 -2.58
C GLU B 136 -23.80 17.99 -2.30
N ILE B 137 -23.45 17.03 -3.14
CA ILE B 137 -23.79 15.63 -2.93
C ILE B 137 -23.18 15.15 -1.61
N ALA B 138 -21.89 15.41 -1.44
CA ALA B 138 -21.20 15.03 -0.21
C ALA B 138 -21.81 15.72 1.03
N LEU B 139 -22.29 16.94 0.85
CA LEU B 139 -22.89 17.70 1.94
C LEU B 139 -24.22 17.12 2.33
N LYS B 140 -25.08 16.91 1.33
CA LYS B 140 -26.42 16.42 1.58
C LYS B 140 -26.36 15.06 2.27
N LEU B 141 -25.63 14.13 1.66
CA LEU B 141 -25.45 12.80 2.22
C LEU B 141 -25.00 12.81 3.69
N GLY B 142 -23.97 13.57 4.00
CA GLY B 142 -23.49 13.66 5.37
C GLY B 142 -24.54 14.18 6.34
N CYS B 143 -25.36 15.13 5.87
CA CYS B 143 -26.41 15.71 6.70
C CYS B 143 -27.48 14.68 6.99
N LEU B 144 -27.78 13.88 5.96
CA LEU B 144 -28.75 12.82 6.06
C LEU B 144 -28.32 11.76 7.05
N GLU B 145 -27.02 11.46 7.12
CA GLU B 145 -26.52 10.55 8.15
C GLU B 145 -26.74 11.14 9.55
N ILE B 146 -26.40 12.42 9.70
CA ILE B 146 -26.59 13.13 10.96
C ILE B 146 -28.06 13.09 11.40
N ARG B 147 -28.97 13.30 10.45
CA ARG B 147 -30.38 13.27 10.76
C ARG B 147 -30.78 11.87 11.22
N ARG B 148 -30.47 10.86 10.41
CA ARG B 148 -30.89 9.51 10.70
C ARG B 148 -30.31 9.02 12.00
N SER B 149 -29.03 9.26 12.20
CA SER B 149 -28.36 8.74 13.38
C SER B 149 -28.95 9.35 14.63
N TYR B 150 -28.85 10.67 14.78
CA TYR B 150 -29.38 11.35 15.96
C TYR B 150 -30.85 11.76 15.74
N GLY B 151 -31.74 10.78 15.78
CA GLY B 151 -33.15 11.04 15.48
C GLY B 151 -33.99 11.34 16.69
N GLU B 152 -33.36 11.79 17.77
CA GLU B 152 -34.07 12.17 18.97
C GLU B 152 -33.99 13.67 19.18
N MET B 153 -33.34 14.34 18.22
CA MET B 153 -33.09 15.76 18.32
C MET B 153 -33.89 16.59 17.29
N ARG B 154 -33.90 17.89 17.52
CA ARG B 154 -34.74 18.82 16.80
C ARG B 154 -34.03 19.38 15.58
N GLY B 155 -34.78 19.64 14.51
CA GLY B 155 -34.24 20.15 13.26
C GLY B 155 -33.31 21.34 13.41
N ASN B 156 -33.61 22.21 14.35
CA ASN B 156 -32.77 23.40 14.59
C ASN B 156 -31.69 23.18 15.65
N ALA B 157 -31.53 21.93 16.08
CA ALA B 157 -30.58 21.61 17.14
C ALA B 157 -29.18 22.02 16.75
N LEU B 158 -28.88 21.93 15.46
CA LEU B 158 -27.54 22.21 14.97
C LEU B 158 -27.25 23.71 14.89
N GLU B 159 -28.31 24.52 14.94
CA GLU B 159 -28.17 25.99 15.01
C GLU B 159 -27.51 26.43 16.32
N LYS B 160 -27.58 25.57 17.34
CA LYS B 160 -26.95 25.83 18.64
C LYS B 160 -25.48 25.59 18.52
N LYS B 161 -24.68 26.52 19.01
CA LYS B 161 -23.24 26.45 18.85
C LYS B 161 -22.67 25.17 19.47
N SER B 162 -22.89 24.97 20.77
CA SER B 162 -22.28 23.85 21.50
C SER B 162 -22.68 22.50 20.88
N ASN B 163 -23.92 22.42 20.39
CA ASN B 163 -24.39 21.24 19.66
C ASN B 163 -23.54 20.94 18.43
N TYR B 164 -23.27 21.99 17.63
CA TYR B 164 -22.42 21.82 16.46
C TYR B 164 -21.02 21.42 16.90
N GLU B 165 -20.54 22.05 17.96
CA GLU B 165 -19.20 21.74 18.46
C GLU B 165 -19.06 20.30 18.96
N VAL B 166 -20.11 19.75 19.55
CA VAL B 166 -20.15 18.33 19.90
C VAL B 166 -19.82 17.49 18.67
N LEU B 167 -20.48 17.78 17.55
CA LEU B 167 -20.20 17.07 16.31
C LEU B 167 -18.82 17.39 15.79
N GLU B 168 -18.44 18.66 15.81
CA GLU B 168 -17.20 19.10 15.19
C GLU B 168 -15.96 18.65 15.94
N LYS B 169 -16.09 18.46 17.24
CA LYS B 169 -14.96 18.35 18.14
C LYS B 169 -14.85 16.95 18.76
N ASP B 170 -16.00 16.38 19.13
CA ASP B 170 -16.05 15.14 19.90
C ASP B 170 -16.37 13.90 19.06
N VAL B 171 -17.47 13.94 18.32
CA VAL B 171 -17.83 12.85 17.43
C VAL B 171 -16.89 12.87 16.23
N GLY B 172 -16.71 14.04 15.65
CA GLY B 172 -15.91 14.16 14.47
C GLY B 172 -16.82 14.24 13.26
N LEU B 173 -16.51 15.17 12.38
CA LEU B 173 -17.23 15.31 11.13
C LEU B 173 -16.70 14.33 10.10
N ARG B 174 -15.51 13.77 10.35
CA ARG B 174 -14.97 12.78 9.43
C ARG B 174 -15.87 11.56 9.38
N ARG B 175 -16.69 11.37 10.42
CA ARG B 175 -17.73 10.34 10.46
C ARG B 175 -18.84 10.54 9.43
N PHE B 176 -19.09 11.78 9.05
CA PHE B 176 -20.21 12.07 8.16
C PHE B 176 -19.80 12.56 6.77
N PHE B 177 -18.62 13.17 6.68
CA PHE B 177 -18.20 13.89 5.48
C PHE B 177 -16.85 13.42 5.00
N PRO B 178 -16.55 13.57 3.69
CA PRO B 178 -15.25 13.09 3.19
C PRO B 178 -14.12 13.98 3.70
N LYS B 179 -12.95 13.38 3.94
CA LYS B 179 -11.75 14.14 4.33
C LYS B 179 -11.48 15.36 3.42
N SER B 180 -11.55 15.15 2.10
CA SER B 180 -11.26 16.22 1.15
C SER B 180 -12.20 17.42 1.31
N LEU B 181 -13.42 17.16 1.77
CA LEU B 181 -14.38 18.24 1.96
C LEU B 181 -13.98 19.00 3.20
N LEU B 182 -13.67 18.28 4.26
CA LEU B 182 -13.23 18.88 5.51
C LEU B 182 -11.91 19.65 5.35
N ASP B 183 -11.05 19.16 4.46
CA ASP B 183 -9.72 19.71 4.25
C ASP B 183 -9.64 20.85 3.26
N SER B 184 -10.80 21.36 2.84
CA SER B 184 -10.84 22.34 1.74
C SER B 184 -11.76 23.53 2.00
N VAL B 185 -12.43 23.53 3.14
CA VAL B 185 -13.31 24.64 3.48
C VAL B 185 -13.11 25.00 4.95
N LYS B 186 -13.06 26.29 5.23
CA LYS B 186 -12.71 26.80 6.55
C LYS B 186 -13.84 26.55 7.55
N ALA B 187 -13.42 26.20 8.78
CA ALA B 187 -14.30 25.73 9.85
C ALA B 187 -15.63 26.48 9.98
N LYS B 188 -15.56 27.80 10.13
CA LYS B 188 -16.76 28.65 10.20
C LYS B 188 -17.65 28.52 8.96
N THR B 189 -17.05 28.54 7.77
CA THR B 189 -17.84 28.41 6.55
C THR B 189 -18.53 27.04 6.50
N LEU B 190 -17.73 25.98 6.71
CA LEU B 190 -18.24 24.64 6.71
C LEU B 190 -19.42 24.49 7.66
N ARG B 191 -19.30 25.06 8.87
CA ARG B 191 -20.40 25.07 9.84
C ARG B 191 -21.67 25.67 9.23
N LYS B 192 -21.52 26.84 8.65
CA LYS B 192 -22.63 27.56 8.05
C LYS B 192 -23.21 26.72 6.94
N LEU B 193 -22.33 26.08 6.16
CA LEU B 193 -22.77 25.18 5.09
C LEU B 193 -23.67 24.09 5.66
N ILE B 194 -23.08 23.13 6.37
CA ILE B 194 -23.83 22.06 7.04
C ILE B 194 -25.19 22.52 7.59
N GLN B 195 -25.17 23.58 8.38
CA GLN B 195 -26.37 24.11 9.02
C GLN B 195 -27.44 24.41 8.00
N GLN B 196 -27.05 25.12 6.96
CA GLN B 196 -27.97 25.49 5.90
C GLN B 196 -28.51 24.23 5.24
N THR B 197 -27.61 23.40 4.72
CA THR B 197 -28.03 22.19 4.02
C THR B 197 -28.83 21.24 4.90
N PHE B 198 -28.48 21.15 6.19
CA PHE B 198 -29.21 20.26 7.09
C PHE B 198 -30.67 20.66 7.22
N ARG B 199 -30.98 21.94 6.99
CA ARG B 199 -32.35 22.43 7.09
C ARG B 199 -33.33 21.65 6.23
N GLN B 200 -32.94 21.31 5.00
CA GLN B 200 -33.90 20.67 4.10
C GLN B 200 -34.37 19.30 4.57
N PHE B 201 -33.52 18.59 5.30
CA PHE B 201 -33.80 17.23 5.74
C PHE B 201 -34.28 17.17 7.18
N ALA B 202 -34.47 18.34 7.78
CA ALA B 202 -34.68 18.47 9.22
C ALA B 202 -35.77 17.60 9.82
N ASN B 203 -36.93 17.50 9.15
CA ASN B 203 -38.10 16.85 9.74
C ASN B 203 -38.23 15.37 9.40
N LEU B 204 -37.40 14.91 8.46
CA LEU B 204 -37.39 13.52 8.02
C LEU B 204 -37.05 12.58 9.17
N ASN B 205 -37.82 11.50 9.29
CA ASN B 205 -37.50 10.46 10.28
C ASN B 205 -36.37 9.57 9.79
N ARG B 206 -36.13 8.48 10.51
CA ARG B 206 -35.02 7.60 10.18
C ARG B 206 -35.21 6.98 8.80
N GLU B 207 -36.33 6.28 8.61
CA GLU B 207 -36.71 5.70 7.31
C GLU B 207 -36.60 6.72 6.18
N GLU B 208 -37.05 7.93 6.45
CA GLU B 208 -37.14 8.95 5.44
C GLU B 208 -35.77 9.46 5.06
N SER B 209 -34.88 9.54 6.04
CA SER B 209 -33.49 9.90 5.81
C SER B 209 -32.83 8.88 4.91
N ILE B 210 -32.92 7.62 5.33
CA ILE B 210 -32.31 6.52 4.60
C ILE B 210 -32.74 6.52 3.14
N LEU B 211 -34.03 6.72 2.88
CA LEU B 211 -34.50 6.65 1.50
C LEU B 211 -33.90 7.77 0.62
N LYS B 212 -33.82 8.97 1.18
CA LYS B 212 -33.32 10.14 0.45
C LYS B 212 -31.86 9.96 0.15
N PHE B 213 -31.12 9.52 1.16
CA PHE B 213 -29.73 9.21 0.97
C PHE B 213 -29.61 8.45 -0.33
N PHE B 214 -30.34 7.34 -0.46
CA PHE B 214 -30.28 6.51 -1.66
C PHE B 214 -30.66 7.28 -2.92
N GLU B 215 -31.74 8.06 -2.83
CA GLU B 215 -32.25 8.81 -3.96
C GLU B 215 -31.18 9.71 -4.54
N ILE B 216 -30.46 10.38 -3.64
CA ILE B 216 -29.41 11.33 -3.99
C ILE B 216 -28.15 10.64 -4.50
N LEU B 217 -27.82 9.49 -3.94
CA LEU B 217 -26.60 8.77 -4.30
C LEU B 217 -26.70 8.04 -5.65
N SER B 218 -27.90 7.59 -5.98
CA SER B 218 -28.14 6.75 -7.15
C SER B 218 -27.62 7.33 -8.46
N PRO B 219 -27.91 8.61 -8.74
CA PRO B 219 -27.39 9.22 -9.98
C PRO B 219 -25.87 9.15 -10.10
N VAL B 220 -25.16 9.15 -8.98
CA VAL B 220 -23.72 9.27 -9.04
C VAL B 220 -22.96 7.98 -8.71
N TYR B 221 -23.62 7.00 -8.12
CA TYR B 221 -22.95 5.75 -7.71
C TYR B 221 -23.85 4.53 -7.91
N ARG B 222 -23.39 3.62 -8.77
CA ARG B 222 -24.08 2.36 -9.10
C ARG B 222 -24.09 1.41 -7.91
N PHE B 223 -25.26 1.19 -7.32
CA PHE B 223 -25.40 0.19 -6.24
C PHE B 223 -26.52 -0.82 -6.46
N ASP B 224 -27.20 -0.72 -7.61
CA ASP B 224 -28.36 -1.56 -7.89
C ASP B 224 -28.03 -2.78 -8.70
N LYS B 225 -26.73 -3.01 -8.95
CA LYS B 225 -26.26 -4.15 -9.73
C LYS B 225 -24.74 -4.31 -9.64
N GLU B 226 -24.22 -5.36 -10.26
CA GLU B 226 -22.79 -5.56 -10.35
C GLU B 226 -22.44 -5.77 -11.80
N CYS B 227 -21.24 -5.34 -12.18
CA CYS B 227 -20.79 -5.53 -13.56
C CYS B 227 -19.52 -6.32 -13.65
N PHE B 228 -19.35 -7.03 -14.76
CA PHE B 228 -18.13 -7.77 -14.98
C PHE B 228 -17.71 -7.65 -16.43
N LYS B 229 -16.46 -7.27 -16.67
CA LYS B 229 -15.87 -7.33 -18.02
C LYS B 229 -15.58 -8.80 -18.30
N CYS B 230 -16.20 -9.32 -19.36
CA CYS B 230 -15.97 -10.71 -19.75
C CYS B 230 -16.21 -10.95 -21.25
N ALA B 231 -16.10 -12.21 -21.64
CA ALA B 231 -16.22 -12.61 -23.02
C ALA B 231 -17.34 -13.62 -23.21
N LEU B 232 -18.18 -13.39 -24.21
CA LEU B 232 -19.33 -14.24 -24.43
C LEU B 232 -19.15 -15.21 -25.58
N GLY B 233 -19.69 -16.41 -25.40
CA GLY B 233 -19.70 -17.41 -26.45
C GLY B 233 -18.95 -18.65 -26.03
N SER B 234 -19.22 -19.73 -26.76
CA SER B 234 -18.60 -21.03 -26.55
C SER B 234 -17.52 -21.30 -27.59
N SER B 235 -17.32 -20.35 -28.49
CA SER B 235 -16.77 -20.66 -29.79
C SER B 235 -15.98 -19.52 -30.40
N TRP B 236 -16.56 -18.32 -30.46
CA TRP B 236 -15.84 -17.16 -30.96
C TRP B 236 -15.97 -15.98 -30.01
N ILE B 237 -15.50 -16.19 -28.80
CA ILE B 237 -15.53 -15.21 -27.70
C ILE B 237 -15.66 -13.74 -28.18
N ILE B 238 -16.76 -13.09 -27.78
CA ILE B 238 -16.94 -11.63 -28.01
C ILE B 238 -16.88 -10.89 -26.69
N SER B 239 -16.27 -9.70 -26.70
CA SER B 239 -15.90 -9.02 -25.47
C SER B 239 -16.95 -8.05 -24.93
N VAL B 240 -17.58 -8.40 -23.80
CA VAL B 240 -18.68 -7.58 -23.26
C VAL B 240 -18.52 -7.13 -21.80
N GLU B 241 -19.34 -6.17 -21.40
CA GLU B 241 -19.58 -5.89 -19.98
C GLU B 241 -20.94 -6.46 -19.56
N LEU B 242 -20.92 -7.51 -18.76
CA LEU B 242 -22.15 -8.11 -18.23
C LEU B 242 -22.72 -7.26 -17.12
N ALA B 243 -24.04 -7.13 -17.13
CA ALA B 243 -24.77 -6.47 -16.06
C ALA B 243 -25.56 -7.54 -15.36
N ILE B 244 -25.51 -7.54 -14.02
CA ILE B 244 -26.36 -8.44 -13.26
C ILE B 244 -27.00 -7.70 -12.09
N GLY B 245 -28.33 -7.72 -12.05
CA GLY B 245 -29.11 -7.09 -10.99
C GLY B 245 -30.60 -7.39 -11.10
N PRO B 246 -31.40 -6.96 -10.09
CA PRO B 246 -32.84 -7.23 -10.08
C PRO B 246 -33.61 -6.70 -11.30
N GLU B 247 -33.27 -5.49 -11.77
CA GLU B 247 -34.00 -4.90 -12.88
C GLU B 247 -33.69 -5.54 -14.24
N GLU B 248 -32.50 -6.09 -14.38
CA GLU B 248 -32.00 -6.48 -15.70
C GLU B 248 -31.90 -7.99 -15.85
N GLY B 249 -31.81 -8.70 -14.72
CA GLY B 249 -31.40 -10.08 -14.74
C GLY B 249 -30.02 -10.07 -15.36
N ILE B 250 -29.82 -10.87 -16.39
CA ILE B 250 -28.54 -10.91 -17.06
C ILE B 250 -28.62 -10.17 -18.39
N SER B 251 -27.85 -9.08 -18.50
CA SER B 251 -27.81 -8.28 -19.70
C SER B 251 -26.38 -7.93 -19.98
N TYR B 252 -26.05 -7.68 -21.25
CA TYR B 252 -24.74 -7.12 -21.58
C TYR B 252 -24.86 -5.69 -22.08
N LEU B 253 -23.71 -5.12 -22.42
CA LEU B 253 -23.59 -3.82 -23.05
C LEU B 253 -22.18 -3.62 -23.56
N THR B 254 -22.05 -2.92 -24.68
CA THR B 254 -20.76 -2.39 -25.12
C THR B 254 -20.94 -0.96 -25.62
N ASP B 255 -21.92 -0.80 -26.52
CA ASP B 255 -22.43 0.49 -27.06
C ASP B 255 -21.51 1.74 -26.93
N LYS B 256 -21.54 2.54 -25.84
CA LYS B 256 -22.57 2.63 -24.76
C LYS B 256 -22.36 3.96 -23.99
N GLY B 257 -23.37 4.84 -23.96
CA GLY B 257 -24.71 4.54 -24.45
C GLY B 257 -25.52 4.04 -23.26
N ALA B 258 -26.86 4.17 -23.33
CA ALA B 258 -27.74 3.75 -22.22
C ALA B 258 -27.34 2.35 -21.71
N ASN B 259 -27.57 1.24 -22.45
CA ASN B 259 -28.74 0.92 -23.29
C ASN B 259 -28.74 -0.63 -23.37
N PRO B 260 -28.88 -1.31 -22.21
CA PRO B 260 -28.46 -2.69 -22.06
C PRO B 260 -29.35 -3.68 -22.80
N THR B 261 -28.77 -4.81 -23.20
CA THR B 261 -29.45 -5.83 -23.98
C THR B 261 -29.75 -7.02 -23.11
N HIS B 262 -31.03 -7.25 -22.84
CA HIS B 262 -31.46 -8.43 -22.09
C HIS B 262 -30.94 -9.70 -22.74
N LEU B 263 -30.33 -10.56 -21.92
CA LEU B 263 -29.90 -11.88 -22.33
C LEU B 263 -30.80 -12.96 -21.74
N ALA B 264 -30.94 -12.92 -20.40
CA ALA B 264 -31.79 -13.86 -19.64
C ALA B 264 -32.37 -13.28 -18.33
N ASP B 265 -33.47 -13.88 -17.89
CA ASP B 265 -34.04 -13.63 -16.57
C ASP B 265 -33.59 -14.74 -15.64
N PHE B 266 -33.52 -14.44 -14.35
CA PHE B 266 -33.07 -15.43 -13.38
C PHE B 266 -33.94 -16.69 -13.41
N ASN B 267 -35.27 -16.52 -13.48
CA ASN B 267 -36.19 -17.66 -13.52
C ASN B 267 -36.08 -18.54 -14.78
N GLN B 268 -35.27 -18.12 -15.75
CA GLN B 268 -34.93 -18.96 -16.90
C GLN B 268 -33.69 -19.85 -16.66
N VAL B 269 -32.90 -19.55 -15.62
CA VAL B 269 -31.63 -20.26 -15.33
C VAL B 269 -31.80 -21.61 -14.60
N GLN B 270 -31.52 -22.71 -15.28
CA GLN B 270 -31.78 -24.05 -14.74
C GLN B 270 -30.57 -24.71 -14.08
N THR B 271 -29.40 -24.65 -14.73
CA THR B 271 -28.16 -25.13 -14.12
C THR B 271 -27.02 -24.11 -14.25
N ILE B 272 -26.16 -24.08 -13.25
CA ILE B 272 -24.99 -23.23 -13.25
C ILE B 272 -23.82 -24.13 -13.00
N GLN B 273 -22.79 -24.00 -13.83
CA GLN B 273 -21.51 -24.60 -13.51
C GLN B 273 -20.36 -23.72 -13.98
N TYR B 274 -19.26 -23.80 -13.25
CA TYR B 274 -18.06 -23.05 -13.57
C TYR B 274 -16.87 -24.00 -13.55
N SER B 275 -15.96 -23.80 -14.51
CA SER B 275 -14.76 -24.60 -14.65
C SER B 275 -13.52 -23.77 -15.04
N ASN B 276 -12.37 -24.41 -14.97
CA ASN B 276 -11.14 -23.85 -15.52
C ASN B 276 -11.18 -24.01 -17.05
N SER B 277 -10.50 -23.11 -17.76
CA SER B 277 -10.53 -23.11 -19.23
C SER B 277 -9.79 -24.30 -19.85
N GLU B 278 -10.51 -25.05 -20.70
CA GLU B 278 -9.97 -26.24 -21.36
C GLU B 278 -8.85 -25.87 -22.32
N ASP B 279 -9.03 -24.75 -23.03
CA ASP B 279 -7.96 -24.15 -23.83
C ASP B 279 -6.82 -23.62 -22.94
N LYS B 280 -6.19 -22.52 -23.34
CA LYS B 280 -4.91 -22.09 -22.77
C LYS B 280 -4.80 -21.96 -21.22
N ASP B 281 -5.17 -20.79 -20.70
CA ASP B 281 -4.69 -20.37 -19.37
C ASP B 281 -5.71 -19.61 -18.49
N ARG B 282 -5.18 -19.06 -17.39
CA ARG B 282 -5.85 -18.27 -16.33
C ARG B 282 -7.36 -17.99 -16.37
N LYS B 283 -7.93 -17.93 -17.57
CA LYS B 283 -9.35 -17.62 -17.77
C LYS B 283 -10.25 -18.66 -17.13
N GLY B 284 -11.35 -18.19 -16.54
CA GLY B 284 -12.35 -19.07 -15.94
C GLY B 284 -13.59 -19.18 -16.78
N MET B 285 -14.16 -20.38 -16.84
CA MET B 285 -15.30 -20.64 -17.69
C MET B 285 -16.60 -20.67 -16.88
N LEU B 286 -17.69 -20.22 -17.48
CA LEU B 286 -18.99 -20.29 -16.86
C LEU B 286 -20.09 -20.68 -17.85
N GLN B 287 -20.83 -21.73 -17.52
CA GLN B 287 -21.92 -22.23 -18.37
C GLN B 287 -23.26 -22.14 -17.65
N LEU B 288 -24.26 -21.58 -18.33
CA LEU B 288 -25.62 -21.48 -17.81
C LEU B 288 -26.64 -22.10 -18.75
N LYS B 289 -27.38 -23.08 -18.24
CA LYS B 289 -28.49 -23.67 -18.97
C LYS B 289 -29.73 -22.79 -18.84
N ILE B 290 -30.32 -22.39 -19.96
CA ILE B 290 -31.45 -21.46 -19.94
C ILE B 290 -32.68 -21.99 -20.67
N ALA B 291 -33.82 -21.93 -19.99
CA ALA B 291 -35.10 -22.32 -20.57
C ALA B 291 -35.28 -21.70 -21.95
N GLY B 292 -35.53 -22.54 -22.95
CA GLY B 292 -35.71 -22.08 -24.35
C GLY B 292 -34.46 -22.32 -25.20
N ALA B 293 -33.40 -21.57 -24.87
CA ALA B 293 -32.10 -21.70 -25.52
C ALA B 293 -31.52 -23.12 -25.41
N PRO B 294 -31.26 -23.75 -26.56
CA PRO B 294 -30.74 -25.11 -26.50
C PRO B 294 -29.22 -25.11 -26.30
N GLU B 295 -28.56 -24.06 -26.77
CA GLU B 295 -27.17 -23.81 -26.44
C GLU B 295 -27.08 -23.03 -25.14
N PRO B 296 -26.30 -23.55 -24.17
CA PRO B 296 -26.07 -22.88 -22.91
C PRO B 296 -25.29 -21.59 -23.09
N LEU B 297 -25.46 -20.66 -22.17
CA LEU B 297 -24.72 -19.42 -22.22
C LEU B 297 -23.35 -19.69 -21.63
N THR B 298 -22.32 -19.44 -22.44
CA THR B 298 -20.92 -19.66 -22.04
C THR B 298 -20.24 -18.33 -21.80
N VAL B 299 -19.64 -18.20 -20.63
CA VAL B 299 -18.98 -16.97 -20.22
C VAL B 299 -17.53 -17.25 -19.87
N THR B 300 -16.62 -16.56 -20.56
CA THR B 300 -15.20 -16.58 -20.24
C THR B 300 -14.90 -15.40 -19.35
N ALA B 301 -14.27 -15.66 -18.21
CA ALA B 301 -13.84 -14.59 -17.29
C ALA B 301 -12.32 -14.52 -17.18
N PRO B 302 -11.75 -13.32 -16.94
CA PRO B 302 -10.32 -13.16 -16.72
C PRO B 302 -9.70 -14.24 -15.84
N SER B 303 -10.27 -14.49 -14.67
CA SER B 303 -9.70 -15.44 -13.72
C SER B 303 -10.77 -16.38 -13.20
N LEU B 304 -10.34 -17.51 -12.65
CA LEU B 304 -11.27 -18.46 -12.06
C LEU B 304 -12.04 -17.83 -10.90
N THR B 305 -11.35 -17.05 -10.08
CA THR B 305 -11.96 -16.34 -8.96
C THR B 305 -13.18 -15.57 -9.44
N ILE B 306 -13.01 -14.87 -10.56
CA ILE B 306 -14.08 -14.06 -11.11
C ILE B 306 -15.24 -14.92 -11.60
N ALA B 307 -14.93 -16.00 -12.30
CA ALA B 307 -15.98 -16.93 -12.73
C ALA B 307 -16.75 -17.42 -11.52
N GLU B 308 -16.03 -17.69 -10.44
CA GLU B 308 -16.64 -18.12 -9.21
C GLU B 308 -17.57 -17.02 -8.73
N ASN B 309 -17.05 -15.79 -8.61
CA ASN B 309 -17.87 -14.69 -8.13
C ASN B 309 -19.18 -14.54 -8.89
N MET B 310 -19.10 -14.62 -10.22
CA MET B 310 -20.27 -14.44 -11.07
C MET B 310 -21.26 -15.55 -10.82
N ALA B 311 -20.77 -16.78 -10.72
CA ALA B 311 -21.60 -17.93 -10.40
C ALA B 311 -22.31 -17.75 -9.07
N ASP B 312 -21.53 -17.43 -8.02
CA ASP B 312 -22.13 -17.11 -6.73
C ASP B 312 -23.29 -16.14 -6.90
N LEU B 313 -23.02 -15.04 -7.60
CA LEU B 313 -24.03 -14.01 -7.79
C LEU B 313 -25.26 -14.60 -8.46
N ILE B 314 -25.07 -15.26 -9.59
CA ILE B 314 -26.23 -15.76 -10.31
C ILE B 314 -27.00 -16.79 -9.45
N ASP B 315 -26.26 -17.62 -8.69
CA ASP B 315 -26.85 -18.60 -7.78
C ASP B 315 -27.78 -17.89 -6.79
N GLY B 316 -27.21 -16.97 -6.02
CA GLY B 316 -27.98 -16.12 -5.14
C GLY B 316 -29.28 -15.74 -5.80
N TYR B 317 -29.21 -15.20 -7.00
CA TYR B 317 -30.40 -14.65 -7.63
C TYR B 317 -31.46 -15.68 -7.98
N CYS B 318 -31.04 -16.91 -8.27
CA CYS B 318 -31.97 -17.96 -8.63
C CYS B 318 -32.63 -18.47 -7.36
N ARG B 319 -31.81 -18.73 -6.35
CA ARG B 319 -32.29 -19.12 -5.05
C ARG B 319 -33.40 -18.17 -4.66
N LEU B 320 -33.18 -16.90 -4.93
CA LEU B 320 -34.05 -15.85 -4.49
C LEU B 320 -35.29 -15.73 -5.38
N VAL B 321 -35.09 -15.72 -6.69
CA VAL B 321 -36.19 -15.48 -7.61
C VAL B 321 -37.28 -16.55 -7.45
N ASN B 322 -36.90 -17.84 -7.54
CA ASN B 322 -37.74 -18.94 -7.03
C ASN B 322 -37.66 -18.79 -5.53
N GLY B 323 -38.49 -19.50 -4.78
CA GLY B 323 -38.37 -19.39 -3.32
C GLY B 323 -37.35 -20.35 -2.74
N ALA B 324 -36.28 -20.64 -3.48
CA ALA B 324 -35.39 -21.77 -3.17
C ALA B 324 -34.32 -21.55 -2.12
N THR B 325 -33.84 -22.65 -1.55
CA THR B 325 -32.76 -22.64 -0.56
C THR B 325 -31.54 -23.43 -1.02
N GLN B 326 -31.76 -24.29 -2.02
CA GLN B 326 -30.73 -25.21 -2.53
C GLN B 326 -29.98 -24.60 -3.70
N SER B 327 -28.70 -24.92 -3.79
CA SER B 327 -27.85 -24.40 -4.88
C SER B 327 -28.31 -24.77 -6.29
N PHE B 328 -27.79 -24.05 -7.28
CA PHE B 328 -28.04 -24.35 -8.68
C PHE B 328 -26.71 -24.61 -9.35
N ILE B 329 -25.66 -24.67 -8.55
CA ILE B 329 -24.33 -24.93 -9.06
C ILE B 329 -24.03 -26.42 -8.92
N ILE B 330 -23.49 -27.03 -9.98
CA ILE B 330 -23.19 -28.46 -10.03
C ILE B 330 -21.81 -28.76 -10.62
N ARG B 331 -21.34 -29.98 -10.39
CA ARG B 331 -20.29 -30.70 -11.20
C ARG B 331 -19.33 -31.66 -10.43
N PRO B 332 -18.02 -31.31 -10.27
CA PRO B 332 -17.06 -32.38 -9.86
C PRO B 332 -17.14 -32.75 -8.38
N GLY B 353 -26.16 -40.37 7.03
CA GLY B 353 -26.98 -41.58 6.86
C GLY B 353 -28.43 -41.31 7.23
N VAL B 354 -28.90 -41.75 8.41
CA VAL B 354 -28.17 -42.61 9.39
C VAL B 354 -29.19 -43.34 10.29
N ARG B 355 -30.08 -42.58 10.93
CA ARG B 355 -31.07 -43.10 11.89
C ARG B 355 -32.50 -42.89 11.32
N SER B 356 -33.52 -42.77 12.17
CA SER B 356 -34.91 -42.55 11.71
C SER B 356 -35.06 -41.21 10.96
N HIS B 357 -35.54 -40.17 11.65
CA HIS B 357 -35.56 -38.77 11.17
C HIS B 357 -36.60 -37.96 11.92
N THR B 358 -36.37 -37.83 13.23
CA THR B 358 -37.41 -37.56 14.21
C THR B 358 -37.93 -36.13 14.12
N ASP B 365 -21.17 -32.18 12.91
CA ASP B 365 -21.91 -31.47 13.94
C ASP B 365 -21.84 -29.96 13.72
N ASP B 366 -22.91 -29.40 13.15
CA ASP B 366 -22.93 -27.99 12.74
C ASP B 366 -23.50 -27.02 13.79
N TYR B 367 -22.97 -27.07 15.01
CA TYR B 367 -23.38 -26.10 16.03
C TYR B 367 -22.71 -24.74 15.79
N ALA B 368 -23.44 -23.68 16.14
CA ALA B 368 -22.95 -22.33 15.99
C ALA B 368 -23.40 -21.48 17.18
N GLU B 369 -22.46 -20.74 17.76
CA GLU B 369 -22.71 -19.95 18.96
C GLU B 369 -21.91 -18.65 18.93
N ILE B 370 -22.60 -17.54 19.18
CA ILE B 370 -21.97 -16.22 19.27
C ILE B 370 -21.37 -15.94 20.64
N ILE B 371 -20.15 -15.42 20.66
CA ILE B 371 -19.43 -15.07 21.90
C ILE B 371 -18.76 -13.69 21.81
N ASP B 372 -18.10 -13.27 22.88
CA ASP B 372 -17.46 -11.95 22.96
C ASP B 372 -15.94 -12.03 22.70
N GLU B 373 -15.28 -10.87 22.72
CA GLU B 373 -13.86 -10.76 22.36
C GLU B 373 -12.92 -10.70 23.56
N GLU B 374 -11.61 -10.70 23.28
CA GLU B 374 -10.58 -10.62 24.30
C GLU B 374 -9.83 -9.27 24.30
N ASP B 375 -9.56 -8.74 25.49
CA ASP B 375 -8.69 -7.57 25.65
C ASP B 375 -7.59 -7.90 26.67
N THR B 376 -6.43 -7.24 26.52
CA THR B 376 -5.32 -7.39 27.49
C THR B 376 -5.54 -6.52 28.74
N TYR B 377 -6.82 -6.36 29.09
CA TYR B 377 -7.33 -5.38 30.05
C TYR B 377 -8.59 -5.98 30.69
N THR B 378 -8.90 -7.23 30.28
CA THR B 378 -10.19 -7.86 30.59
C THR B 378 -10.04 -9.37 30.93
N MET B 379 -9.03 -9.69 31.73
CA MET B 379 -8.88 -11.01 32.37
C MET B 379 -8.01 -11.01 33.66
N PRO B 380 -7.79 -9.83 34.30
CA PRO B 380 -6.76 -9.77 35.35
C PRO B 380 -7.20 -10.49 36.63
N SER B 381 -6.27 -11.26 37.21
CA SER B 381 -6.56 -12.28 38.23
C SER B 381 -7.24 -11.79 39.51
N THR B 382 -7.55 -12.73 40.40
CA THR B 382 -8.47 -12.51 41.53
C THR B 382 -7.80 -12.15 42.90
N ARG B 383 -7.49 -13.16 43.73
CA ARG B 383 -6.99 -13.00 45.14
C ARG B 383 -8.12 -13.19 46.16
N ASP B 384 -8.06 -12.45 47.28
CA ASP B 384 -9.26 -11.90 47.87
C ASP B 384 -9.62 -11.12 46.63
N TYR B 385 -10.78 -11.36 46.05
CA TYR B 385 -12.04 -11.49 46.74
C TYR B 385 -12.85 -12.78 46.46
N GLU B 386 -12.20 -13.81 45.95
CA GLU B 386 -12.89 -15.08 45.72
C GLU B 386 -13.46 -15.61 47.02
N ILE B 387 -14.65 -16.20 46.95
CA ILE B 387 -15.33 -16.71 48.13
C ILE B 387 -15.93 -18.09 47.84
N GLN B 388 -15.91 -18.98 48.84
CA GLN B 388 -16.59 -20.26 48.72
C GLN B 388 -18.07 -20.12 49.04
N ARG B 389 -18.89 -20.59 48.11
CA ARG B 389 -20.35 -20.56 48.20
C ARG B 389 -20.94 -21.09 49.52
N GLU B 390 -20.24 -22.00 50.19
CA GLU B 390 -20.68 -22.54 51.49
C GLU B 390 -20.80 -21.47 52.58
N ARG B 391 -20.04 -20.39 52.42
CA ARG B 391 -20.07 -19.28 53.36
C ARG B 391 -21.14 -18.24 52.97
N ILE B 392 -22.08 -18.65 52.13
CA ILE B 392 -23.15 -17.76 51.65
C ILE B 392 -24.54 -18.39 51.80
N GLU B 393 -25.42 -17.70 52.53
CA GLU B 393 -26.84 -18.07 52.51
C GLU B 393 -27.63 -17.14 51.60
N LEU B 394 -28.00 -17.65 50.43
CA LEU B 394 -28.81 -16.91 49.47
C LEU B 394 -30.22 -16.73 49.99
N GLY B 395 -30.52 -15.51 50.43
CA GLY B 395 -31.84 -15.21 50.95
C GLY B 395 -32.73 -14.60 49.89
N ARG B 396 -33.77 -13.94 50.36
CA ARG B 396 -34.79 -13.32 49.52
C ARG B 396 -34.23 -12.37 48.44
N CYS B 397 -34.92 -12.33 47.31
CA CYS B 397 -34.62 -11.43 46.20
C CYS B 397 -35.04 -10.00 46.50
N ILE B 398 -34.18 -9.04 46.19
CA ILE B 398 -34.47 -7.64 46.55
C ILE B 398 -34.51 -6.64 45.39
N GLY B 399 -34.06 -7.05 44.20
CA GLY B 399 -34.09 -6.17 43.02
C GLY B 399 -33.91 -6.91 41.71
N GLU B 400 -34.42 -6.35 40.62
CA GLU B 400 -34.24 -6.91 39.27
C GLU B 400 -33.22 -6.13 38.44
N GLY B 401 -32.25 -6.84 37.87
CA GLY B 401 -31.28 -6.23 36.94
C GLY B 401 -31.66 -6.48 35.47
N GLN B 402 -30.66 -6.60 34.61
CA GLN B 402 -30.91 -6.97 33.21
C GLN B 402 -30.24 -8.31 32.92
N PHE B 403 -28.94 -8.35 33.20
CA PHE B 403 -28.15 -9.56 33.26
C PHE B 403 -28.74 -10.54 34.27
N GLY B 404 -29.12 -10.03 35.43
CA GLY B 404 -29.72 -10.84 36.49
C GLY B 404 -30.04 -10.10 37.77
N ASP B 405 -30.61 -10.85 38.71
CA ASP B 405 -31.25 -10.29 39.90
C ASP B 405 -30.32 -10.09 41.10
N VAL B 406 -30.78 -9.26 42.05
CA VAL B 406 -30.08 -9.03 43.32
C VAL B 406 -30.89 -9.60 44.50
N HIS B 407 -30.19 -10.33 45.35
CA HIS B 407 -30.74 -10.92 46.55
C HIS B 407 -30.03 -10.33 47.74
N GLN B 408 -30.61 -10.49 48.92
CA GLN B 408 -29.87 -10.31 50.17
C GLN B 408 -29.46 -11.70 50.69
N GLY B 409 -28.46 -11.73 51.57
CA GLY B 409 -28.01 -13.00 52.15
C GLY B 409 -27.20 -12.83 53.42
N ILE B 410 -26.67 -13.95 53.93
CA ILE B 410 -25.79 -13.95 55.11
C ILE B 410 -24.39 -14.49 54.73
N TYR B 411 -23.35 -13.91 55.34
CA TYR B 411 -21.96 -14.27 55.04
C TYR B 411 -21.13 -14.59 56.28
N MET B 412 -20.88 -15.88 56.49
CA MET B 412 -20.14 -16.36 57.64
C MET B 412 -18.66 -16.53 57.31
N SER B 413 -17.89 -15.47 57.54
CA SER B 413 -16.43 -15.54 57.47
C SER B 413 -15.86 -15.93 58.84
N PRO B 414 -15.19 -17.10 58.93
CA PRO B 414 -14.75 -17.70 60.22
C PRO B 414 -13.72 -16.86 61.02
N GLU B 415 -13.18 -15.84 60.37
CA GLU B 415 -12.36 -14.80 61.02
C GLU B 415 -13.19 -13.51 61.11
N ASN B 416 -14.40 -13.62 61.67
CA ASN B 416 -15.39 -12.55 61.80
C ASN B 416 -16.72 -13.08 62.37
N PRO B 417 -17.64 -12.18 62.76
CA PRO B 417 -19.00 -12.67 63.02
C PRO B 417 -19.81 -12.62 61.72
N ALA B 418 -21.02 -13.18 61.74
CA ALA B 418 -21.92 -13.14 60.57
C ALA B 418 -22.15 -11.71 60.10
N MET B 419 -22.49 -11.57 58.82
CA MET B 419 -22.57 -10.27 58.17
C MET B 419 -23.62 -10.26 57.06
N ALA B 420 -24.41 -9.19 57.00
CA ALA B 420 -25.48 -9.05 56.03
C ALA B 420 -24.89 -8.56 54.72
N VAL B 421 -25.34 -9.16 53.60
CA VAL B 421 -24.77 -8.85 52.27
C VAL B 421 -25.82 -8.82 51.17
N ALA B 422 -25.46 -8.21 50.05
CA ALA B 422 -26.29 -8.20 48.85
C ALA B 422 -25.62 -9.10 47.83
N ILE B 423 -26.42 -9.88 47.11
CA ILE B 423 -25.88 -10.84 46.15
C ILE B 423 -26.44 -10.60 44.75
N LYS B 424 -25.55 -10.47 43.76
CA LYS B 424 -25.99 -10.27 42.39
C LYS B 424 -25.81 -11.55 41.59
N THR B 425 -26.91 -12.05 41.03
CA THR B 425 -26.93 -13.35 40.39
C THR B 425 -27.07 -13.22 38.90
N CYS B 426 -26.33 -14.05 38.17
CA CYS B 426 -26.32 -14.03 36.72
C CYS B 426 -27.10 -15.24 36.18
N LYS B 427 -28.20 -14.97 35.48
CA LYS B 427 -29.11 -16.02 35.02
C LYS B 427 -28.45 -17.06 34.09
N ASN B 428 -28.21 -16.69 32.83
CA ASN B 428 -27.53 -17.57 31.88
C ASN B 428 -26.01 -17.46 32.03
N CYS B 429 -25.51 -17.93 33.16
CA CYS B 429 -24.08 -17.85 33.49
C CYS B 429 -23.24 -18.87 32.72
N THR B 430 -23.87 -19.63 31.83
CA THR B 430 -23.20 -20.70 31.06
C THR B 430 -22.37 -20.23 29.84
N SER B 431 -22.79 -19.12 29.22
CA SER B 431 -22.00 -18.48 28.16
C SER B 431 -20.94 -17.61 28.79
N ASP B 432 -19.68 -17.90 28.45
CA ASP B 432 -18.53 -17.18 29.05
C ASP B 432 -18.44 -15.69 28.68
N SER B 433 -19.34 -15.25 27.79
CA SER B 433 -19.52 -13.83 27.47
C SER B 433 -20.39 -13.13 28.52
N VAL B 434 -21.52 -13.74 28.83
CA VAL B 434 -22.44 -13.25 29.86
C VAL B 434 -21.72 -13.17 31.20
N ARG B 435 -20.84 -14.14 31.45
CA ARG B 435 -20.03 -14.21 32.67
C ARG B 435 -18.95 -13.13 32.72
N GLU B 436 -18.26 -12.94 31.60
CA GLU B 436 -17.11 -12.06 31.54
C GLU B 436 -17.50 -10.60 31.76
N LYS B 437 -18.56 -10.16 31.08
CA LYS B 437 -19.03 -8.77 31.17
C LYS B 437 -19.75 -8.53 32.49
N PHE B 438 -20.14 -9.62 33.14
CA PHE B 438 -20.77 -9.58 34.44
C PHE B 438 -19.76 -9.19 35.52
N LEU B 439 -18.54 -9.70 35.41
CA LEU B 439 -17.55 -9.48 36.44
C LEU B 439 -16.43 -8.50 36.04
N GLN B 440 -16.59 -7.88 34.86
CA GLN B 440 -15.91 -6.63 34.57
C GLN B 440 -16.57 -5.54 35.42
N GLU B 441 -17.82 -5.79 35.80
CA GLU B 441 -18.52 -5.00 36.81
C GLU B 441 -17.84 -5.23 38.15
N ALA B 442 -17.55 -6.49 38.47
CA ALA B 442 -16.89 -6.82 39.72
C ALA B 442 -15.49 -6.24 39.71
N LEU B 443 -14.79 -6.41 38.59
CA LEU B 443 -13.47 -5.85 38.41
C LEU B 443 -13.42 -4.42 38.95
N THR B 444 -14.27 -3.57 38.40
CA THR B 444 -14.17 -2.11 38.58
C THR B 444 -14.61 -1.61 39.96
N MET B 445 -15.33 -2.45 40.69
CA MET B 445 -15.72 -2.08 42.04
C MET B 445 -14.59 -2.24 43.03
N ARG B 446 -13.59 -3.01 42.63
CA ARG B 446 -12.44 -3.27 43.48
C ARG B 446 -11.56 -2.04 43.51
N GLN B 447 -11.62 -1.26 42.44
CA GLN B 447 -10.87 -0.01 42.34
C GLN B 447 -11.38 1.00 43.37
N PHE B 448 -12.56 0.73 43.96
CA PHE B 448 -13.26 1.69 44.81
C PHE B 448 -13.31 1.38 46.32
N ASP B 449 -12.96 2.40 47.09
CA ASP B 449 -13.09 2.41 48.55
C ASP B 449 -13.52 3.83 48.95
N HIS B 450 -14.82 4.00 49.20
CA HIS B 450 -15.39 5.29 49.53
C HIS B 450 -16.61 5.05 50.38
N PRO B 451 -16.68 5.72 51.54
CA PRO B 451 -17.77 5.49 52.50
C PRO B 451 -19.16 5.73 51.91
N HIS B 452 -19.23 6.31 50.70
CA HIS B 452 -20.50 6.59 50.04
C HIS B 452 -20.71 5.89 48.68
N ILE B 453 -20.00 4.77 48.51
CA ILE B 453 -20.09 3.92 47.32
C ILE B 453 -20.22 2.49 47.82
N VAL B 454 -21.26 1.79 47.35
CA VAL B 454 -21.54 0.43 47.82
C VAL B 454 -20.34 -0.46 47.57
N LYS B 455 -19.75 -0.88 48.69
CA LYS B 455 -18.44 -1.51 48.77
C LYS B 455 -18.53 -2.98 48.35
N LEU B 456 -17.62 -3.41 47.50
CA LEU B 456 -17.55 -4.80 47.10
C LEU B 456 -16.96 -5.64 48.22
N ILE B 457 -17.41 -6.89 48.33
CA ILE B 457 -16.83 -7.80 49.30
C ILE B 457 -16.13 -8.94 48.58
N GLY B 458 -16.76 -9.45 47.53
CA GLY B 458 -16.13 -10.47 46.73
C GLY B 458 -16.98 -11.13 45.66
N VAL B 459 -16.45 -12.25 45.15
CA VAL B 459 -17.04 -12.98 44.04
C VAL B 459 -17.11 -14.48 44.30
N ILE B 460 -18.01 -15.13 43.57
CA ILE B 460 -17.97 -16.57 43.38
C ILE B 460 -17.96 -16.74 41.86
N THR B 461 -16.85 -17.30 41.35
CA THR B 461 -16.66 -17.50 39.90
C THR B 461 -17.06 -18.90 39.47
N GLU B 462 -17.32 -19.77 40.44
CA GLU B 462 -17.92 -21.07 40.18
C GLU B 462 -19.38 -20.85 39.77
N ASN B 463 -19.72 -21.26 38.55
CA ASN B 463 -21.06 -21.10 37.99
C ASN B 463 -22.16 -21.68 38.88
N PRO B 464 -23.25 -20.92 39.09
CA PRO B 464 -23.51 -19.61 38.48
C PRO B 464 -22.88 -18.44 39.23
N VAL B 465 -22.13 -17.61 38.51
CA VAL B 465 -21.40 -16.48 39.10
C VAL B 465 -22.26 -15.58 40.00
N TRP B 466 -21.73 -15.27 41.19
CA TRP B 466 -22.35 -14.38 42.18
C TRP B 466 -21.39 -13.26 42.58
N ILE B 467 -21.90 -12.03 42.64
CA ILE B 467 -21.12 -10.87 43.12
C ILE B 467 -21.65 -10.41 44.49
N ILE B 468 -20.80 -10.51 45.50
CA ILE B 468 -21.16 -10.21 46.89
C ILE B 468 -20.74 -8.80 47.27
N MET B 469 -21.72 -8.00 47.66
CA MET B 469 -21.43 -6.63 48.08
C MET B 469 -22.15 -6.32 49.38
N GLU B 470 -21.82 -5.16 49.96
CA GLU B 470 -22.45 -4.76 51.20
C GLU B 470 -23.94 -4.47 50.98
N LEU B 471 -24.75 -4.69 52.02
CA LEU B 471 -26.18 -4.47 51.94
C LEU B 471 -26.59 -3.16 52.59
N CYS B 472 -27.24 -2.29 51.82
CA CYS B 472 -27.78 -1.06 52.35
C CYS B 472 -29.19 -1.31 52.86
N THR B 473 -29.25 -1.64 54.13
CA THR B 473 -30.43 -2.17 54.82
C THR B 473 -31.71 -1.33 54.73
N LEU B 474 -31.56 -0.02 54.74
CA LEU B 474 -32.74 0.85 54.68
C LEU B 474 -33.30 1.11 53.28
N GLY B 475 -32.71 0.48 52.27
CA GLY B 475 -33.33 0.44 50.95
C GLY B 475 -33.02 1.61 50.08
N GLU B 476 -33.80 1.78 49.01
CA GLU B 476 -33.51 2.84 48.04
C GLU B 476 -34.10 4.18 48.40
N LEU B 477 -33.27 5.20 48.27
CA LEU B 477 -33.57 6.52 48.75
C LEU B 477 -34.98 6.97 48.39
N ARG B 478 -35.40 6.81 47.13
CA ARG B 478 -36.76 7.20 46.75
C ARG B 478 -37.76 6.75 47.79
N SER B 479 -37.91 5.43 47.93
CA SER B 479 -38.85 4.84 48.88
C SER B 479 -38.64 5.53 50.21
N PHE B 480 -37.40 5.45 50.71
CA PHE B 480 -37.04 5.99 52.01
C PHE B 480 -37.60 7.41 52.20
N LEU B 481 -37.33 8.27 51.22
CA LEU B 481 -37.77 9.65 51.26
C LEU B 481 -39.28 9.81 51.29
N GLN B 482 -39.96 9.01 50.47
CA GLN B 482 -41.41 9.10 50.39
C GLN B 482 -42.07 8.63 51.67
N VAL B 483 -41.49 7.63 52.32
CA VAL B 483 -42.02 7.10 53.56
C VAL B 483 -41.80 8.11 54.68
N ARG B 484 -40.68 8.81 54.63
CA ARG B 484 -40.29 9.73 55.68
C ARG B 484 -40.59 11.18 55.34
N LYS B 485 -41.49 11.38 54.36
CA LYS B 485 -41.89 12.71 53.84
C LYS B 485 -42.10 13.76 54.93
N PHE B 486 -42.58 13.31 56.08
CA PHE B 486 -42.91 14.19 57.18
C PHE B 486 -42.18 13.80 58.46
N SER B 487 -41.09 13.06 58.29
CA SER B 487 -40.21 12.67 59.40
C SER B 487 -38.78 13.13 59.14
N LEU B 488 -38.56 13.79 58.00
CA LEU B 488 -37.20 14.16 57.61
C LEU B 488 -37.01 15.65 57.47
N ASP B 489 -35.90 16.13 58.02
CA ASP B 489 -35.57 17.56 58.04
C ASP B 489 -34.72 17.91 56.84
N LEU B 490 -34.51 19.22 56.64
CA LEU B 490 -33.74 19.73 55.51
C LEU B 490 -32.26 19.39 55.65
N ALA B 491 -31.65 19.72 56.79
CA ALA B 491 -30.23 19.46 57.03
C ALA B 491 -29.78 18.08 56.55
N SER B 492 -30.41 17.04 57.11
CA SER B 492 -30.09 15.65 56.76
C SER B 492 -30.37 15.38 55.28
N LEU B 493 -31.46 15.95 54.76
CA LEU B 493 -31.74 15.87 53.31
C LEU B 493 -30.53 16.32 52.50
N ILE B 494 -30.11 17.57 52.69
CA ILE B 494 -28.96 18.10 51.94
C ILE B 494 -27.68 17.32 52.27
N LEU B 495 -27.59 16.81 53.51
CA LEU B 495 -26.52 15.89 53.86
C LEU B 495 -26.39 14.79 52.81
N TYR B 496 -27.50 14.15 52.47
CA TYR B 496 -27.49 13.07 51.49
C TYR B 496 -26.90 13.55 50.16
N ALA B 497 -27.31 14.74 49.74
CA ALA B 497 -26.76 15.33 48.53
C ALA B 497 -25.25 15.53 48.70
N TYR B 498 -24.84 16.06 49.85
CA TYR B 498 -23.42 16.21 50.13
C TYR B 498 -22.65 14.91 49.92
N GLN B 499 -23.14 13.84 50.52
CA GLN B 499 -22.45 12.56 50.46
C GLN B 499 -22.41 12.07 49.03
N LEU B 500 -23.53 12.24 48.34
CA LEU B 500 -23.63 11.92 46.93
C LEU B 500 -22.58 12.68 46.10
N SER B 501 -22.29 13.91 46.50
CA SER B 501 -21.29 14.69 45.82
C SER B 501 -19.85 14.21 46.14
N THR B 502 -19.57 13.79 47.36
CA THR B 502 -18.22 13.30 47.66
C THR B 502 -17.90 12.12 46.76
N ALA B 503 -18.87 11.19 46.65
CA ALA B 503 -18.71 9.99 45.83
C ALA B 503 -18.44 10.35 44.38
N LEU B 504 -19.30 11.18 43.80
CA LEU B 504 -19.10 11.63 42.43
C LEU B 504 -17.72 12.29 42.23
N ALA B 505 -17.37 13.22 43.12
CA ALA B 505 -16.05 13.81 43.14
C ALA B 505 -14.98 12.75 42.97
N TYR B 506 -15.12 11.67 43.75
CA TYR B 506 -14.12 10.60 43.80
C TYR B 506 -14.04 9.77 42.52
N LEU B 507 -15.17 9.58 41.84
CA LEU B 507 -15.22 8.84 40.57
C LEU B 507 -14.69 9.71 39.44
N GLU B 508 -14.85 11.02 39.56
CA GLU B 508 -14.28 11.97 38.61
C GLU B 508 -12.74 11.82 38.61
N SER B 509 -12.16 11.86 39.81
CA SER B 509 -10.73 11.65 40.02
C SER B 509 -10.24 10.25 39.62
N LYS B 510 -11.14 9.29 39.42
CA LYS B 510 -10.77 7.98 38.87
C LYS B 510 -11.22 7.85 37.40
N ARG B 511 -11.58 8.99 36.80
CA ARG B 511 -12.02 9.07 35.41
C ARG B 511 -13.12 8.06 35.12
N PHE B 512 -14.19 8.10 35.89
CA PHE B 512 -15.28 7.17 35.72
C PHE B 512 -16.58 7.91 35.50
N VAL B 513 -17.36 7.45 34.53
CA VAL B 513 -18.65 8.05 34.20
C VAL B 513 -19.79 7.10 34.61
N HIS B 514 -20.68 7.56 35.46
CA HIS B 514 -21.75 6.69 35.97
C HIS B 514 -22.91 6.49 34.97
N ARG B 515 -23.34 7.58 34.34
CA ARG B 515 -24.37 7.54 33.28
C ARG B 515 -25.80 7.34 33.80
N ASP B 516 -25.95 7.02 35.09
CA ASP B 516 -27.28 6.83 35.65
C ASP B 516 -27.42 7.28 37.10
N ILE B 517 -27.18 8.57 37.32
CA ILE B 517 -27.27 9.15 38.65
C ILE B 517 -28.70 9.54 38.89
N ALA B 518 -29.33 8.88 39.86
CA ALA B 518 -30.70 9.21 40.29
C ALA B 518 -30.99 8.53 41.61
N ALA B 519 -31.93 9.11 42.35
CA ALA B 519 -32.35 8.56 43.66
C ALA B 519 -32.67 7.06 43.63
N ARG B 520 -33.32 6.61 42.56
CA ARG B 520 -33.55 5.17 42.40
C ARG B 520 -32.27 4.34 42.48
N ASN B 521 -31.12 4.94 42.17
CA ASN B 521 -29.83 4.25 42.26
C ASN B 521 -28.97 4.59 43.47
N VAL B 522 -29.50 5.39 44.38
CA VAL B 522 -28.84 5.54 45.67
C VAL B 522 -29.50 4.60 46.68
N LEU B 523 -28.71 4.11 47.62
CA LEU B 523 -29.23 3.23 48.67
C LEU B 523 -28.86 3.79 50.03
N VAL B 524 -29.68 3.49 51.04
CA VAL B 524 -29.49 4.06 52.37
C VAL B 524 -29.01 2.98 53.34
N SER B 525 -27.78 3.12 53.81
CA SER B 525 -27.26 2.17 54.80
C SER B 525 -27.73 2.56 56.19
N ALA B 526 -27.72 3.87 56.46
CA ALA B 526 -28.14 4.41 57.75
C ALA B 526 -28.79 5.78 57.56
N THR B 527 -29.43 6.32 58.59
CA THR B 527 -30.06 7.65 58.50
C THR B 527 -29.03 8.74 58.26
N ASP B 528 -27.76 8.47 58.62
CA ASP B 528 -26.67 9.40 58.39
C ASP B 528 -25.69 8.98 57.29
N CYS B 529 -26.11 8.06 56.40
CA CYS B 529 -25.21 7.53 55.36
C CYS B 529 -25.92 6.91 54.16
N VAL B 530 -25.75 7.52 52.98
CA VAL B 530 -26.24 6.98 51.71
C VAL B 530 -25.07 6.50 50.83
N LYS B 531 -25.35 5.55 49.95
CA LYS B 531 -24.33 4.96 49.10
C LYS B 531 -24.81 4.81 47.65
N LEU B 532 -23.95 5.18 46.70
CA LEU B 532 -24.22 5.13 45.24
C LEU B 532 -24.22 3.69 44.67
N GLY B 533 -24.83 3.53 43.50
CA GLY B 533 -25.37 2.25 43.06
C GLY B 533 -24.67 1.25 42.16
N ASP B 534 -24.79 1.45 40.85
CA ASP B 534 -24.75 0.31 39.91
C ASP B 534 -23.37 -0.25 39.52
N PHE B 535 -22.56 0.59 38.86
CA PHE B 535 -21.30 0.15 38.22
C PHE B 535 -21.52 -1.08 37.32
N GLY B 536 -22.79 -1.45 37.20
CA GLY B 536 -23.27 -2.45 36.26
C GLY B 536 -22.92 -2.08 34.83
N LEU B 537 -22.64 -3.14 34.04
CA LEU B 537 -21.91 -2.94 32.79
C LEU B 537 -22.77 -3.22 31.57
N SER B 538 -24.11 -3.41 31.81
CA SER B 538 -25.08 -3.34 30.70
C SER B 538 -24.81 -2.03 29.97
N ARG B 539 -24.02 -2.13 28.89
CA ARG B 539 -23.41 -0.96 28.22
C ARG B 539 -22.74 -1.42 26.92
N LEU B 554 -34.40 3.85 28.75
CA LEU B 554 -33.51 4.99 29.00
C LEU B 554 -34.16 6.07 29.86
N PRO B 555 -33.43 6.61 30.85
CA PRO B 555 -33.91 7.62 31.81
C PRO B 555 -33.92 9.06 31.27
N ILE B 556 -34.64 9.27 30.17
CA ILE B 556 -34.69 10.56 29.48
C ILE B 556 -34.81 11.73 30.45
N LYS B 557 -35.71 11.60 31.41
CA LYS B 557 -36.06 12.70 32.29
C LYS B 557 -34.94 13.12 33.24
N TRP B 558 -33.85 12.35 33.26
CA TRP B 558 -32.69 12.70 34.10
C TRP B 558 -31.52 13.05 33.19
N MET B 559 -31.71 12.90 31.88
CA MET B 559 -30.61 12.96 30.95
C MET B 559 -30.27 14.37 30.50
N ALA B 560 -28.97 14.65 30.40
CA ALA B 560 -28.48 15.90 29.83
C ALA B 560 -28.86 15.99 28.35
N PRO B 561 -29.08 17.20 27.83
CA PRO B 561 -29.46 17.36 26.43
C PRO B 561 -28.49 16.65 25.45
N GLU B 562 -27.18 16.91 25.57
CA GLU B 562 -26.19 16.24 24.70
C GLU B 562 -26.32 14.71 24.77
N SER B 563 -26.77 14.22 25.93
CA SER B 563 -26.93 12.79 26.16
C SER B 563 -28.11 12.26 25.36
N ILE B 564 -29.24 12.96 25.43
CA ILE B 564 -30.42 12.65 24.62
C ILE B 564 -30.08 12.85 23.16
N ASN B 565 -29.63 14.05 22.82
CA ASN B 565 -29.34 14.43 21.44
C ASN B 565 -28.30 13.53 20.77
N PHE B 566 -27.09 13.51 21.34
CA PHE B 566 -25.98 12.79 20.72
C PHE B 566 -25.31 11.77 21.62
N ARG B 567 -26.10 11.04 22.42
CA ARG B 567 -25.60 9.85 23.12
C ARG B 567 -24.23 10.08 23.77
N ARG B 568 -24.06 11.28 24.31
CA ARG B 568 -22.76 11.69 24.84
C ARG B 568 -22.80 11.58 26.35
N PHE B 569 -21.84 10.84 26.92
CA PHE B 569 -21.81 10.66 28.38
C PHE B 569 -20.48 11.00 29.03
N THR B 570 -20.47 12.15 29.67
CA THR B 570 -19.29 12.78 30.23
C THR B 570 -19.56 13.12 31.68
N SER B 571 -18.52 13.50 32.40
CA SER B 571 -18.68 14.00 33.76
C SER B 571 -19.66 15.17 33.80
N ALA B 572 -19.54 16.07 32.82
CA ALA B 572 -20.46 17.20 32.69
C ALA B 572 -21.92 16.76 32.64
N SER B 573 -22.17 15.64 31.94
CA SER B 573 -23.53 15.14 31.79
C SER B 573 -23.93 14.40 33.05
N ASP B 574 -22.94 13.89 33.77
CA ASP B 574 -23.17 13.36 35.11
C ASP B 574 -23.55 14.46 36.09
N VAL B 575 -22.94 15.63 35.95
CA VAL B 575 -23.33 16.80 36.73
C VAL B 575 -24.82 17.10 36.52
N TRP B 576 -25.25 17.15 35.26
CA TRP B 576 -26.63 17.42 34.94
C TRP B 576 -27.50 16.45 35.70
N MET B 577 -27.19 15.16 35.56
CA MET B 577 -27.98 14.13 36.23
C MET B 577 -28.04 14.41 37.72
N PHE B 578 -26.87 14.63 38.32
CA PHE B 578 -26.81 14.94 39.73
C PHE B 578 -27.79 16.06 40.11
N GLY B 579 -27.82 17.11 39.29
CA GLY B 579 -28.75 18.21 39.49
C GLY B 579 -30.18 17.72 39.61
N VAL B 580 -30.57 16.81 38.72
CA VAL B 580 -31.90 16.24 38.78
C VAL B 580 -32.02 15.40 40.06
N CYS B 581 -30.90 14.80 40.46
CA CYS B 581 -30.94 13.96 41.64
C CYS B 581 -31.14 14.79 42.89
N MET B 582 -30.48 15.93 42.95
CA MET B 582 -30.69 16.88 44.05
C MET B 582 -32.16 17.25 44.14
N TRP B 583 -32.71 17.70 43.02
CA TRP B 583 -34.13 17.98 42.93
C TRP B 583 -34.97 16.90 43.61
N GLU B 584 -34.78 15.65 43.21
CA GLU B 584 -35.50 14.51 43.76
C GLU B 584 -35.44 14.43 45.29
N ILE B 585 -34.22 14.55 45.82
CA ILE B 585 -33.99 14.54 47.25
C ILE B 585 -34.82 15.64 47.89
N LEU B 586 -34.64 16.87 47.44
CA LEU B 586 -35.37 18.01 47.98
C LEU B 586 -36.87 17.94 47.75
N MET B 587 -37.28 17.08 46.82
CA MET B 587 -38.70 16.90 46.55
C MET B 587 -39.25 15.67 47.25
N HIS B 588 -38.49 15.18 48.24
CA HIS B 588 -38.82 13.94 48.99
C HIS B 588 -39.20 12.80 48.06
N GLY B 589 -38.38 12.59 47.03
CA GLY B 589 -38.54 11.48 46.11
C GLY B 589 -39.67 11.53 45.09
N VAL B 590 -39.99 12.71 44.58
CA VAL B 590 -40.90 12.82 43.45
C VAL B 590 -40.08 12.73 42.16
N LYS B 591 -40.61 12.05 41.15
CA LYS B 591 -39.93 11.96 39.85
C LYS B 591 -40.06 13.26 39.07
N PRO B 592 -38.96 13.68 38.40
CA PRO B 592 -38.94 14.78 37.44
C PRO B 592 -39.96 14.61 36.33
N PHE B 593 -40.50 15.74 35.86
CA PHE B 593 -41.51 15.78 34.80
C PHE B 593 -42.57 14.70 34.94
N GLN B 594 -43.23 14.61 36.08
CA GLN B 594 -44.26 13.58 36.21
C GLN B 594 -45.43 13.86 35.27
N GLY B 595 -45.98 12.81 34.67
CA GLY B 595 -47.02 12.96 33.67
C GLY B 595 -46.60 13.79 32.46
N VAL B 596 -45.34 13.69 32.08
CA VAL B 596 -44.82 14.31 30.86
C VAL B 596 -44.26 13.21 29.95
N LYS B 597 -44.69 13.19 28.69
CA LYS B 597 -44.15 12.24 27.71
C LYS B 597 -42.66 12.47 27.45
N ASN B 598 -41.95 11.40 27.12
CA ASN B 598 -40.51 11.47 26.96
C ASN B 598 -40.06 12.41 25.85
N ASN B 599 -40.78 12.41 24.74
CA ASN B 599 -40.40 13.27 23.63
C ASN B 599 -40.75 14.74 23.81
N ASP B 600 -41.72 15.01 24.68
CA ASP B 600 -41.98 16.38 25.14
C ASP B 600 -40.75 16.94 25.87
N VAL B 601 -40.18 16.11 26.76
CA VAL B 601 -39.04 16.51 27.59
C VAL B 601 -37.97 17.26 26.80
N ILE B 602 -37.40 16.64 25.79
CA ILE B 602 -36.31 17.26 25.05
C ILE B 602 -36.64 18.72 24.74
N GLY B 603 -37.85 18.97 24.23
CA GLY B 603 -38.27 20.30 23.81
C GLY B 603 -38.37 21.31 24.93
N ARG B 604 -38.77 20.84 26.11
CA ARG B 604 -38.87 21.69 27.28
C ARG B 604 -37.50 22.09 27.79
N ILE B 605 -36.54 21.16 27.70
CA ILE B 605 -35.15 21.45 28.01
C ILE B 605 -34.63 22.41 26.94
N GLU B 606 -34.85 22.03 25.69
CA GLU B 606 -34.41 22.78 24.54
C GLU B 606 -34.97 24.19 24.58
N ASN B 607 -36.21 24.34 25.05
CA ASN B 607 -36.84 25.66 25.12
C ASN B 607 -36.51 26.45 26.39
N GLY B 608 -35.77 25.86 27.32
CA GLY B 608 -35.34 26.59 28.51
C GLY B 608 -36.02 26.28 29.83
N GLU B 609 -37.07 25.47 29.80
CA GLU B 609 -37.76 24.99 31.01
C GLU B 609 -36.80 24.23 31.94
N ARG B 610 -36.73 24.64 33.20
CA ARG B 610 -36.03 23.84 34.22
C ARG B 610 -36.95 23.45 35.37
N LEU B 611 -36.61 22.37 36.07
CA LEU B 611 -37.42 21.89 37.19
C LEU B 611 -37.57 22.99 38.24
N PRO B 612 -38.84 23.31 38.60
CA PRO B 612 -39.15 24.39 39.54
C PRO B 612 -38.48 24.24 40.90
N MET B 613 -38.16 25.36 41.52
CA MET B 613 -37.62 25.38 42.86
C MET B 613 -38.53 24.65 43.86
N PRO B 614 -38.03 23.56 44.45
CA PRO B 614 -38.82 22.74 45.37
C PRO B 614 -39.17 23.51 46.64
N PRO B 615 -40.38 23.29 47.20
CA PRO B 615 -40.78 24.00 48.41
C PRO B 615 -39.75 23.86 49.53
N ASN B 616 -39.55 24.94 50.30
CA ASN B 616 -38.63 24.97 51.45
C ASN B 616 -37.14 24.79 51.12
N CYS B 617 -36.80 24.88 49.83
CA CYS B 617 -35.41 24.84 49.38
C CYS B 617 -34.74 26.20 49.57
N PRO B 618 -33.52 26.22 50.17
CA PRO B 618 -32.72 27.45 50.24
C PRO B 618 -32.29 27.96 48.86
N PRO B 619 -32.44 29.29 48.63
CA PRO B 619 -32.12 29.92 47.35
C PRO B 619 -30.75 29.51 46.80
N THR B 620 -29.76 29.43 47.68
CA THR B 620 -28.41 29.07 47.31
C THR B 620 -28.34 27.65 46.74
N LEU B 621 -29.13 26.75 47.29
CA LEU B 621 -29.17 25.39 46.77
C LEU B 621 -29.81 25.30 45.38
N TYR B 622 -30.84 26.10 45.14
CA TYR B 622 -31.50 26.10 43.83
C TYR B 622 -30.60 26.67 42.75
N SER B 623 -29.88 27.75 43.06
CA SER B 623 -28.91 28.30 42.11
C SER B 623 -27.85 27.24 41.77
N LEU B 624 -27.42 26.51 42.78
CA LEU B 624 -26.46 25.44 42.56
C LEU B 624 -27.04 24.46 41.56
N MET B 625 -28.26 24.00 41.83
CA MET B 625 -28.93 23.05 40.96
C MET B 625 -28.99 23.54 39.52
N THR B 626 -29.32 24.82 39.32
CA THR B 626 -29.51 25.33 37.97
C THR B 626 -28.19 25.42 37.22
N LYS B 627 -27.12 25.68 37.95
CA LYS B 627 -25.79 25.65 37.35
C LYS B 627 -25.57 24.29 36.70
N CYS B 628 -26.01 23.23 37.37
CA CYS B 628 -25.89 21.91 36.79
C CYS B 628 -26.71 21.77 35.51
N TRP B 629 -27.67 22.67 35.29
CA TRP B 629 -28.60 22.54 34.17
C TRP B 629 -28.34 23.49 33.00
N ALA B 630 -27.12 24.00 32.92
CA ALA B 630 -26.69 24.81 31.79
C ALA B 630 -26.69 23.90 30.58
N TYR B 631 -27.31 24.36 29.50
CA TYR B 631 -27.35 23.58 28.26
C TYR B 631 -25.95 23.24 27.78
N ASP B 632 -25.09 24.26 27.76
CA ASP B 632 -23.70 24.07 27.35
C ASP B 632 -22.97 23.37 28.48
N PRO B 633 -22.54 22.11 28.24
CA PRO B 633 -21.74 21.39 29.24
C PRO B 633 -20.56 22.22 29.78
N SER B 634 -19.89 22.95 28.89
CA SER B 634 -18.78 23.81 29.31
C SER B 634 -19.10 24.67 30.53
N ARG B 635 -20.38 24.99 30.74
CA ARG B 635 -20.80 25.94 31.76
C ARG B 635 -21.30 25.29 33.05
N ARG B 636 -21.23 23.96 33.13
CA ARG B 636 -21.68 23.27 34.33
C ARG B 636 -20.55 23.20 35.33
N PRO B 637 -20.87 23.24 36.64
CA PRO B 637 -19.79 23.12 37.62
C PRO B 637 -19.15 21.75 37.58
N ARG B 638 -17.95 21.64 38.16
CA ARG B 638 -17.27 20.37 38.31
C ARG B 638 -17.80 19.78 39.61
N PHE B 639 -17.58 18.48 39.83
CA PHE B 639 -18.07 17.86 41.05
C PHE B 639 -17.32 18.37 42.28
N THR B 640 -16.01 18.56 42.12
CA THR B 640 -15.19 19.06 43.21
C THR B 640 -15.75 20.40 43.68
N GLU B 641 -16.28 21.16 42.73
CA GLU B 641 -16.89 22.46 42.98
C GLU B 641 -18.16 22.30 43.82
N LEU B 642 -19.11 21.50 43.33
CA LEU B 642 -20.38 21.22 44.01
C LEU B 642 -20.16 20.71 45.43
N LYS B 643 -19.17 19.84 45.61
CA LYS B 643 -18.83 19.27 46.92
C LYS B 643 -18.42 20.37 47.89
N ALA B 644 -17.49 21.22 47.46
CA ALA B 644 -17.04 22.34 48.26
C ALA B 644 -18.20 23.31 48.55
N GLN B 645 -19.02 23.56 47.55
CA GLN B 645 -20.21 24.40 47.68
C GLN B 645 -21.21 23.79 48.64
N LEU B 646 -21.63 22.55 48.38
CA LEU B 646 -22.55 21.83 49.26
C LEU B 646 -22.04 21.81 50.69
N SER B 647 -20.75 21.61 50.84
CA SER B 647 -20.11 21.64 52.15
C SER B 647 -20.55 22.90 52.91
N THR B 648 -20.27 24.08 52.34
CA THR B 648 -20.59 25.36 53.01
C THR B 648 -22.09 25.69 53.10
N ILE B 649 -22.92 25.01 52.29
CA ILE B 649 -24.37 25.16 52.43
C ILE B 649 -24.86 24.27 53.56
N LEU B 650 -24.16 23.16 53.79
CA LEU B 650 -24.49 22.25 54.87
C LEU B 650 -24.32 22.94 56.23
N GLU B 651 -23.13 23.50 56.47
CA GLU B 651 -22.83 24.21 57.71
C GLU B 651 -23.79 25.37 57.95
N GLU B 652 -24.13 26.08 56.88
CA GLU B 652 -25.02 27.24 56.91
C GLU B 652 -26.39 26.91 57.51
N GLU B 653 -26.73 25.63 57.53
CA GLU B 653 -27.92 25.16 58.23
C GLU B 653 -27.59 24.76 59.67
N LYS B 654 -26.49 24.03 59.85
CA LYS B 654 -26.06 23.56 61.18
C LYS B 654 -26.08 24.65 62.24
N LEU B 655 -25.55 25.82 61.86
CA LEU B 655 -25.48 26.97 62.76
C LEU B 655 -26.86 27.62 62.96
N GLN B 656 -27.80 27.30 62.06
CA GLN B 656 -29.13 27.92 61.99
C GLN B 656 -29.03 29.43 61.69
#